data_6NTE
#
_entry.id   6NTE
#
_cell.length_a   79.790
_cell.length_b   74.258
_cell.length_c   80.680
_cell.angle_alpha   90.000
_cell.angle_beta   90.148
_cell.angle_gamma   90.000
#
_symmetry.space_group_name_H-M   'P 1 21 1'
#
loop_
_entity.id
_entity.type
_entity.pdbx_description
1 polymer 'Dihydroxy-acid dehydratase'
2 water water
#
_entity_poly.entity_id   1
_entity_poly.type   'polypeptide(L)'
_entity_poly.pdbx_seq_one_letter_code
;MSNNPRSQVITQGTQRSPNRAMLRAVGFGDDDFTKPIVGIANGYSTITPCNMGINDLALRAEAGLRTAGAMPQLFGTITI
SDGISMGTEGMKYSLVSREVIADSIETVCNGQRMDGVLAIGGCDKNMPGAMIAMARLNIPSIFVYGGTIKPGHYAGEDLT
VVSAFEAVGQYSAGKIDEETLYGIERNACPGAGSCGGMFTANTMSSAFEAMGMSLPYSSTMAAVDGEKADSTEESAKVLV
EAIKKQILPSQILTRKAFENAIAVIMAVGGSTNAVLHLLAIANTIGVPLSLDDFETIRHKVPVLCDLKPSGKYVTTNLHA
AGGIPQVMKILLVNGILHGDALTITGQTIAEVLADIPDQPPAGQDVIHSWDDPVYQEGHLAVLKGNLATEGSVAKISGVK
KPVITGPAKVFESEEDCLEAILAGKIQAGDVVVVRYEGPKGGPGMREMLAPTSAIIGAGLGDSVGLITDGRFSGGTYGLV
VGHVAPEAYVGGAIALVQEGDQITIDAGKRLLQLNISEEELAQRRAQWTPPQPRYPRGILAKYAKLVSSSSLGAVTDIDL
F
;
_entity_poly.pdbx_strand_id   A,B
#
# COMPACT_ATOMS: atom_id res chain seq x y z
N LYS A 35 -26.54 3.37 14.24
CA LYS A 35 -26.22 3.41 12.82
C LYS A 35 -24.78 2.97 12.55
N PRO A 36 -24.55 1.66 12.45
CA PRO A 36 -23.19 1.17 12.18
C PRO A 36 -22.73 1.41 10.75
N ILE A 37 -21.50 1.87 10.62
CA ILE A 37 -20.85 2.06 9.32
C ILE A 37 -19.95 0.86 9.08
N VAL A 38 -20.26 0.07 8.06
CA VAL A 38 -19.59 -1.20 7.82
C VAL A 38 -18.93 -1.16 6.46
N GLY A 39 -17.63 -1.40 6.42
CA GLY A 39 -16.94 -1.49 5.15
C GLY A 39 -17.18 -2.82 4.47
N ILE A 40 -17.16 -2.78 3.15
CA ILE A 40 -17.14 -3.96 2.31
C ILE A 40 -15.86 -3.84 1.51
N ALA A 41 -14.82 -4.57 1.93
CA ALA A 41 -13.56 -4.60 1.20
C ALA A 41 -13.70 -5.59 0.06
N ASN A 42 -13.95 -5.08 -1.14
CA ASN A 42 -14.23 -5.92 -2.30
C ASN A 42 -12.89 -6.33 -2.92
N GLY A 43 -12.57 -7.60 -2.82
CA GLY A 43 -11.32 -8.09 -3.34
C GLY A 43 -11.39 -8.35 -4.82
N TYR A 44 -10.21 -8.30 -5.44
CA TYR A 44 -10.06 -8.47 -6.88
C TYR A 44 -10.75 -7.31 -7.62
N SER A 45 -10.13 -6.14 -7.46
CA SER A 45 -10.54 -4.91 -8.13
C SER A 45 -9.44 -4.50 -9.12
N THR A 46 -9.21 -5.38 -10.12
CA THR A 46 -8.28 -5.20 -11.22
C THR A 46 -8.91 -5.95 -12.40
N ILE A 47 -9.84 -5.26 -13.07
CA ILE A 47 -10.68 -5.85 -14.12
C ILE A 47 -9.88 -6.64 -15.14
N THR A 48 -10.33 -7.87 -15.36
CA THR A 48 -9.77 -8.94 -16.18
C THR A 48 -10.88 -9.98 -16.28
N PRO A 49 -10.93 -10.79 -17.35
CA PRO A 49 -12.09 -11.70 -17.53
C PRO A 49 -12.29 -12.71 -16.41
N CYS A 50 -11.50 -12.63 -15.33
CA CYS A 50 -11.50 -13.66 -14.29
C CYS A 50 -12.26 -13.26 -13.02
N ASN A 51 -12.62 -11.99 -12.84
CA ASN A 51 -13.29 -11.57 -11.61
C ASN A 51 -14.66 -10.93 -11.86
N MET A 52 -15.47 -11.55 -12.72
CA MET A 52 -16.83 -11.07 -12.93
C MET A 52 -17.71 -11.33 -11.71
N GLY A 53 -17.54 -12.51 -11.09
CA GLY A 53 -18.48 -12.96 -10.07
C GLY A 53 -18.34 -12.25 -8.74
N ILE A 54 -17.11 -11.88 -8.37
CA ILE A 54 -16.85 -11.25 -7.07
C ILE A 54 -17.72 -10.01 -6.89
N ASN A 55 -17.99 -9.29 -7.99
CA ASN A 55 -18.77 -8.07 -7.89
C ASN A 55 -20.23 -8.37 -7.60
N ASP A 56 -20.72 -9.53 -8.06
CA ASP A 56 -22.10 -9.94 -7.74
C ASP A 56 -22.30 -10.13 -6.23
N LEU A 57 -21.28 -10.60 -5.53
CA LEU A 57 -21.41 -10.78 -4.09
C LEU A 57 -21.38 -9.46 -3.33
N ALA A 58 -20.66 -8.45 -3.84
CA ALA A 58 -20.58 -7.17 -3.13
C ALA A 58 -21.96 -6.54 -3.01
N LEU A 59 -22.75 -6.60 -4.07
CA LEU A 59 -24.12 -6.10 -3.99
C LEU A 59 -24.93 -6.90 -2.99
N ARG A 60 -24.71 -8.21 -2.92
CA ARG A 60 -25.39 -9.02 -1.92
C ARG A 60 -24.95 -8.65 -0.52
N ALA A 61 -23.67 -8.38 -0.32
CA ALA A 61 -23.22 -7.95 1.00
C ALA A 61 -23.79 -6.58 1.35
N GLU A 62 -23.83 -5.68 0.37
CA GLU A 62 -24.39 -4.35 0.63
C GLU A 62 -25.89 -4.44 0.87
N ALA A 63 -26.55 -5.34 0.16
CA ALA A 63 -27.97 -5.57 0.39
C ALA A 63 -28.20 -6.06 1.81
N GLY A 64 -27.53 -7.15 2.18
CA GLY A 64 -27.67 -7.69 3.52
C GLY A 64 -27.30 -6.71 4.61
N LEU A 65 -26.32 -5.84 4.35
CA LEU A 65 -25.94 -4.86 5.36
C LEU A 65 -27.03 -3.82 5.58
N ARG A 66 -27.70 -3.38 4.51
CA ARG A 66 -28.76 -2.37 4.66
C ARG A 66 -29.98 -2.93 5.36
N THR A 67 -30.38 -4.15 5.03
CA THR A 67 -31.55 -4.72 5.68
C THR A 67 -31.27 -5.08 7.13
N ALA A 68 -30.01 -5.33 7.49
CA ALA A 68 -29.66 -5.59 8.88
C ALA A 68 -29.48 -4.31 9.68
N GLY A 69 -29.62 -3.14 9.05
CA GLY A 69 -29.53 -1.88 9.76
C GLY A 69 -28.18 -1.21 9.75
N ALA A 70 -27.35 -1.49 8.76
CA ALA A 70 -26.04 -0.86 8.67
C ALA A 70 -25.97 0.02 7.43
N MET A 71 -25.01 0.92 7.44
CA MET A 71 -24.73 1.73 6.27
C MET A 71 -23.48 1.18 5.64
N PRO A 72 -23.57 0.46 4.52
CA PRO A 72 -22.36 -0.08 3.90
C PRO A 72 -21.57 0.99 3.17
N GLN A 73 -20.26 0.82 3.17
CA GLN A 73 -19.35 1.65 2.39
C GLN A 73 -18.48 0.70 1.58
N LEU A 74 -18.83 0.52 0.32
CA LEU A 74 -18.08 -0.38 -0.54
C LEU A 74 -16.77 0.26 -0.94
N PHE A 75 -15.71 -0.54 -1.01
CA PHE A 75 -14.44 -0.07 -1.54
C PHE A 75 -13.67 -1.27 -2.06
N GLY A 76 -12.70 -0.98 -2.93
CA GLY A 76 -11.98 -2.01 -3.67
C GLY A 76 -10.52 -2.08 -3.27
N THR A 77 -9.94 -3.25 -3.46
CA THR A 77 -8.52 -3.48 -3.22
C THR A 77 -7.89 -4.10 -4.46
N ILE A 78 -6.58 -3.92 -4.60
CA ILE A 78 -5.85 -4.36 -5.77
C ILE A 78 -5.73 -5.88 -5.79
N THR A 79 -5.35 -6.44 -6.94
CA THR A 79 -4.92 -7.82 -7.06
C THR A 79 -4.15 -7.97 -8.37
N ILE A 80 -3.24 -8.95 -8.41
CA ILE A 80 -2.40 -9.16 -9.58
C ILE A 80 -2.38 -10.62 -10.04
N SER A 81 -3.13 -11.50 -9.39
CA SER A 81 -3.19 -12.90 -9.80
C SER A 81 -3.91 -13.05 -11.14
N ASP A 82 -3.33 -13.87 -12.01
CA ASP A 82 -3.71 -14.17 -13.41
C ASP A 82 -3.16 -13.12 -14.37
N GLY A 83 -2.52 -12.07 -13.88
CA GLY A 83 -1.82 -11.14 -14.74
C GLY A 83 -0.32 -11.29 -14.59
N ILE A 84 0.09 -11.84 -13.44
CA ILE A 84 1.49 -12.07 -13.15
C ILE A 84 2.09 -13.11 -14.10
N SER A 85 3.28 -12.80 -14.61
CA SER A 85 3.98 -13.68 -15.55
C SER A 85 4.97 -14.51 -14.74
N MET A 86 4.73 -15.82 -14.72
CA MET A 86 5.55 -16.74 -13.93
C MET A 86 6.94 -16.87 -14.55
N GLY A 87 7.96 -16.69 -13.71
CA GLY A 87 9.36 -16.76 -14.12
C GLY A 87 10.07 -15.42 -14.18
N THR A 88 9.32 -14.30 -14.22
CA THR A 88 9.92 -12.97 -14.28
C THR A 88 9.76 -12.28 -12.93
N GLU A 89 10.13 -11.00 -12.89
CA GLU A 89 10.06 -10.28 -11.63
C GLU A 89 8.68 -9.79 -11.24
N GLY A 90 7.69 -9.87 -12.13
CA GLY A 90 6.35 -9.59 -11.67
C GLY A 90 5.99 -10.41 -10.44
N MET A 91 6.52 -11.64 -10.35
CA MET A 91 6.20 -12.52 -9.23
C MET A 91 6.69 -11.98 -7.90
N LYS A 92 7.75 -11.16 -7.90
CA LYS A 92 8.23 -10.57 -6.66
C LYS A 92 7.21 -9.63 -6.05
N TYR A 93 6.28 -9.13 -6.85
CA TYR A 93 5.24 -8.24 -6.34
C TYR A 93 4.06 -8.99 -5.74
N SER A 94 4.07 -10.33 -5.75
CA SER A 94 2.92 -11.08 -5.26
C SER A 94 2.77 -10.96 -3.76
N LEU A 95 3.81 -11.31 -2.99
CA LEU A 95 3.74 -11.12 -1.55
C LEU A 95 3.65 -9.63 -1.21
N VAL A 96 4.30 -8.79 -2.01
CA VAL A 96 4.19 -7.35 -1.82
C VAL A 96 2.73 -6.92 -1.85
N SER A 97 1.96 -7.43 -2.82
CA SER A 97 0.56 -7.04 -2.91
C SER A 97 -0.25 -7.52 -1.71
N ARG A 98 0.15 -8.65 -1.09
CA ARG A 98 -0.48 -9.01 0.18
C ARG A 98 -0.32 -7.88 1.20
N GLU A 99 0.88 -7.29 1.30
CA GLU A 99 1.09 -6.20 2.27
C GLU A 99 0.34 -4.94 1.85
N VAL A 100 0.27 -4.67 0.54
CA VAL A 100 -0.44 -3.47 0.08
C VAL A 100 -1.93 -3.60 0.37
N ILE A 101 -2.49 -4.80 0.18
CA ILE A 101 -3.90 -5.04 0.47
C ILE A 101 -4.19 -4.84 1.95
N ALA A 102 -3.35 -5.39 2.82
CA ALA A 102 -3.53 -5.16 4.25
C ALA A 102 -3.48 -3.67 4.55
N ASP A 103 -2.49 -2.96 3.98
CA ASP A 103 -2.36 -1.53 4.24
C ASP A 103 -3.60 -0.77 3.79
N SER A 104 -4.15 -1.10 2.62
CA SER A 104 -5.30 -0.38 2.09
C SER A 104 -6.51 -0.52 3.00
N ILE A 105 -6.83 -1.75 3.39
CA ILE A 105 -7.98 -1.98 4.25
C ILE A 105 -7.80 -1.27 5.59
N GLU A 106 -6.61 -1.36 6.19
CA GLU A 106 -6.37 -0.69 7.46
C GLU A 106 -6.48 0.82 7.31
N THR A 107 -6.01 1.36 6.18
CA THR A 107 -6.08 2.79 5.93
C THR A 107 -7.51 3.26 5.74
N VAL A 108 -8.27 2.57 4.90
CA VAL A 108 -9.67 2.92 4.69
C VAL A 108 -10.45 2.82 5.99
N CYS A 109 -10.39 1.66 6.65
CA CYS A 109 -11.24 1.42 7.83
C CYS A 109 -10.92 2.39 8.95
N ASN A 110 -9.65 2.67 9.20
CA ASN A 110 -9.30 3.70 10.19
C ASN A 110 -9.68 5.08 9.68
N GLY A 111 -9.38 5.37 8.42
CA GLY A 111 -9.73 6.68 7.88
C GLY A 111 -11.22 6.97 7.95
N GLN A 112 -12.06 5.99 7.64
CA GLN A 112 -13.50 6.20 7.61
C GLN A 112 -14.18 5.92 8.94
N ARG A 113 -13.40 5.64 9.99
CA ARG A 113 -13.90 5.30 11.32
C ARG A 113 -15.09 4.35 11.13
N MET A 114 -14.83 3.15 10.60
CA MET A 114 -15.85 2.13 10.40
C MET A 114 -16.01 1.31 11.68
N ASP A 115 -17.22 0.77 11.86
CA ASP A 115 -17.49 -0.08 13.01
C ASP A 115 -17.21 -1.54 12.74
N GLY A 116 -17.08 -1.94 11.48
CA GLY A 116 -16.75 -3.30 11.10
C GLY A 116 -16.44 -3.36 9.63
N VAL A 117 -15.98 -4.53 9.19
CA VAL A 117 -15.60 -4.67 7.79
C VAL A 117 -15.85 -6.11 7.36
N LEU A 118 -16.40 -6.24 6.17
CA LEU A 118 -16.63 -7.51 5.50
C LEU A 118 -15.73 -7.52 4.27
N ALA A 119 -14.75 -8.41 4.26
CA ALA A 119 -13.88 -8.55 3.11
C ALA A 119 -14.38 -9.70 2.27
N ILE A 120 -14.48 -9.47 0.97
CA ILE A 120 -14.79 -10.50 -0.02
C ILE A 120 -13.48 -10.79 -0.73
N GLY A 121 -12.90 -11.97 -0.45
CA GLY A 121 -11.65 -12.34 -1.05
C GLY A 121 -11.92 -13.30 -2.19
N GLY A 122 -11.52 -12.91 -3.37
CA GLY A 122 -11.62 -13.80 -4.49
C GLY A 122 -10.52 -14.82 -4.41
N CYS A 123 -10.58 -15.77 -5.34
CA CYS A 123 -9.54 -16.80 -5.39
C CYS A 123 -8.25 -16.21 -5.96
N ASP A 124 -7.54 -15.47 -5.11
CA ASP A 124 -6.28 -14.84 -5.47
C ASP A 124 -5.28 -15.15 -4.38
N LYS A 125 -4.02 -15.29 -4.76
CA LYS A 125 -3.05 -15.80 -3.78
C LYS A 125 -2.79 -14.82 -2.65
N ASN A 126 -3.25 -13.57 -2.76
CA ASN A 126 -2.92 -12.53 -1.81
C ASN A 126 -4.13 -12.05 -0.98
N MET A 127 -5.26 -12.74 -1.06
CA MET A 127 -6.41 -12.48 -0.19
C MET A 127 -6.13 -12.68 1.29
N PRO A 128 -5.11 -13.45 1.73
CA PRO A 128 -4.73 -13.38 3.15
C PRO A 128 -4.38 -11.97 3.61
N GLY A 129 -4.14 -11.01 2.71
CA GLY A 129 -3.93 -9.64 3.13
C GLY A 129 -5.13 -9.04 3.85
N ALA A 130 -6.35 -9.41 3.45
CA ALA A 130 -7.52 -8.90 4.17
C ALA A 130 -7.51 -9.34 5.63
N MET A 131 -7.14 -10.60 5.87
CA MET A 131 -7.13 -11.13 7.23
C MET A 131 -6.05 -10.47 8.07
N ILE A 132 -4.89 -10.18 7.48
CA ILE A 132 -3.88 -9.43 8.21
C ILE A 132 -4.42 -8.06 8.63
N ALA A 133 -5.13 -7.39 7.72
CA ALA A 133 -5.75 -6.11 8.06
C ALA A 133 -6.79 -6.27 9.18
N MET A 134 -7.59 -7.32 9.12
CA MET A 134 -8.59 -7.51 10.17
C MET A 134 -7.91 -7.69 11.53
N ALA A 135 -6.82 -8.45 11.56
CA ALA A 135 -6.09 -8.63 12.81
C ALA A 135 -5.51 -7.31 13.29
N ARG A 136 -4.99 -6.49 12.37
CA ARG A 136 -4.47 -5.19 12.77
C ARG A 136 -5.58 -4.28 13.28
N LEU A 137 -6.70 -4.24 12.56
CA LEU A 137 -7.76 -3.32 12.95
C LEU A 137 -8.40 -3.76 14.26
N ASN A 138 -8.63 -5.06 14.43
CA ASN A 138 -9.38 -5.64 15.54
C ASN A 138 -10.74 -4.96 15.73
N ILE A 139 -11.41 -4.65 14.64
CA ILE A 139 -12.83 -4.27 14.66
C ILE A 139 -13.62 -5.48 14.19
N PRO A 140 -14.90 -5.63 14.52
CA PRO A 140 -15.63 -6.84 14.11
C PRO A 140 -15.56 -7.05 12.61
N SER A 141 -15.26 -8.29 12.21
CA SER A 141 -14.95 -8.64 10.81
C SER A 141 -15.50 -10.02 10.44
N ILE A 142 -15.75 -10.20 9.16
CA ILE A 142 -16.09 -11.50 8.61
C ILE A 142 -15.50 -11.58 7.20
N PHE A 143 -15.04 -12.77 6.83
CA PHE A 143 -14.43 -13.00 5.53
C PHE A 143 -15.35 -13.86 4.66
N VAL A 144 -15.62 -13.40 3.45
CA VAL A 144 -16.43 -14.12 2.48
C VAL A 144 -15.51 -14.52 1.35
N TYR A 145 -15.33 -15.82 1.17
CA TYR A 145 -14.54 -16.31 0.06
C TYR A 145 -15.34 -16.16 -1.23
N GLY A 146 -14.67 -15.65 -2.27
CA GLY A 146 -15.33 -15.49 -3.55
C GLY A 146 -15.90 -16.78 -4.11
N GLY A 147 -15.33 -17.91 -3.71
CA GLY A 147 -15.79 -19.22 -4.10
C GLY A 147 -14.83 -19.89 -5.07
N THR A 148 -15.05 -21.17 -5.28
CA THR A 148 -14.26 -21.99 -6.18
C THR A 148 -14.88 -22.01 -7.57
N ILE A 149 -14.11 -22.47 -8.57
CA ILE A 149 -14.62 -22.71 -9.91
C ILE A 149 -14.91 -24.21 -10.05
N LYS A 150 -15.90 -24.55 -10.95
CA LYS A 150 -16.13 -25.99 -11.11
C LYS A 150 -15.33 -26.53 -12.30
N PRO A 151 -14.85 -27.80 -12.23
CA PRO A 151 -14.16 -28.49 -13.33
C PRO A 151 -14.85 -28.39 -14.68
N GLY A 193 -8.58 -23.83 -12.76
CA GLY A 193 -7.63 -24.87 -12.41
C GLY A 193 -6.96 -24.68 -11.06
N SER A 194 -6.39 -23.48 -10.82
CA SER A 194 -5.78 -23.21 -9.53
C SER A 194 -6.80 -22.95 -8.44
N CYS A 195 -8.06 -22.71 -8.80
CA CYS A 195 -9.15 -22.50 -7.85
C CYS A 195 -10.13 -23.67 -7.83
N GLY A 196 -9.66 -24.84 -8.27
CA GLY A 196 -10.43 -26.06 -8.15
C GLY A 196 -9.77 -27.01 -7.18
N GLY A 197 -8.44 -26.91 -7.08
CA GLY A 197 -7.67 -27.71 -6.15
C GLY A 197 -7.28 -26.94 -4.89
N MET A 198 -6.50 -27.61 -4.05
CA MET A 198 -6.08 -27.06 -2.76
C MET A 198 -4.75 -26.33 -2.91
N PHE A 199 -4.78 -25.27 -3.70
CA PHE A 199 -3.70 -24.32 -3.81
C PHE A 199 -3.89 -23.26 -2.71
N THR A 200 -3.21 -22.12 -2.84
CA THR A 200 -3.16 -21.15 -1.75
C THR A 200 -4.53 -20.64 -1.35
N ALA A 201 -5.28 -20.11 -2.33
CA ALA A 201 -6.54 -19.44 -2.03
C ALA A 201 -7.53 -20.39 -1.35
N ASN A 202 -7.70 -21.59 -1.90
CA ASN A 202 -8.63 -22.56 -1.34
C ASN A 202 -8.15 -23.06 0.01
N THR A 203 -6.85 -23.20 0.20
CA THR A 203 -6.32 -23.59 1.51
C THR A 203 -6.59 -22.49 2.54
N MET A 204 -6.33 -21.23 2.17
CA MET A 204 -6.52 -20.14 3.13
C MET A 204 -7.99 -19.92 3.44
N SER A 205 -8.86 -20.04 2.43
CA SER A 205 -10.27 -19.83 2.69
C SER A 205 -10.80 -20.91 3.61
N SER A 206 -10.39 -22.16 3.39
CA SER A 206 -10.70 -23.24 4.32
C SER A 206 -10.10 -22.98 5.70
N ALA A 207 -8.87 -22.47 5.75
CA ALA A 207 -8.28 -22.14 7.05
C ALA A 207 -9.11 -21.08 7.75
N PHE A 208 -9.58 -20.11 6.98
CA PHE A 208 -10.35 -19.02 7.57
C PHE A 208 -11.65 -19.53 8.16
N GLU A 209 -12.29 -20.48 7.46
CA GLU A 209 -13.48 -21.12 7.99
C GLU A 209 -13.16 -21.93 9.25
N ALA A 210 -12.03 -22.65 9.24
CA ALA A 210 -11.63 -23.45 10.40
C ALA A 210 -11.40 -22.59 11.65
N MET A 211 -10.97 -21.33 11.46
CA MET A 211 -10.72 -20.43 12.58
C MET A 211 -11.96 -19.66 12.99
N GLY A 212 -13.10 -19.92 12.36
CA GLY A 212 -14.32 -19.25 12.75
C GLY A 212 -14.46 -17.85 12.22
N MET A 213 -13.68 -17.45 11.20
CA MET A 213 -13.79 -16.13 10.59
C MET A 213 -14.66 -16.11 9.34
N SER A 214 -15.15 -17.27 8.91
CA SER A 214 -16.11 -17.41 7.82
C SER A 214 -17.20 -18.37 8.30
N LEU A 215 -18.37 -18.29 7.69
CA LEU A 215 -19.46 -19.15 8.08
C LEU A 215 -19.19 -20.59 7.60
N PRO A 216 -19.75 -21.59 8.29
CA PRO A 216 -19.56 -22.99 7.87
C PRO A 216 -20.00 -23.23 6.44
N TYR A 217 -19.27 -24.13 5.76
CA TYR A 217 -19.54 -24.51 4.38
C TYR A 217 -19.16 -23.44 3.37
N SER A 218 -18.89 -22.21 3.83
CA SER A 218 -18.77 -21.10 2.89
C SER A 218 -17.48 -21.15 2.07
N SER A 219 -16.44 -21.82 2.58
CA SER A 219 -15.14 -21.83 1.92
C SER A 219 -15.03 -22.79 0.73
N THR A 220 -16.00 -23.68 0.54
CA THR A 220 -15.94 -24.66 -0.54
C THR A 220 -17.12 -24.52 -1.50
N MET A 221 -17.96 -23.51 -1.32
CA MET A 221 -19.05 -23.26 -2.27
C MET A 221 -18.48 -22.78 -3.59
N ALA A 222 -19.19 -23.09 -4.68
CA ALA A 222 -18.76 -22.63 -5.98
C ALA A 222 -19.13 -21.16 -6.13
N ALA A 223 -18.30 -20.44 -6.90
CA ALA A 223 -18.45 -19.00 -7.00
C ALA A 223 -19.77 -18.63 -7.68
N VAL A 224 -20.18 -19.40 -8.69
CA VAL A 224 -21.39 -19.08 -9.45
C VAL A 224 -22.66 -19.61 -8.80
N ASP A 225 -22.57 -20.26 -7.65
CA ASP A 225 -23.74 -20.88 -7.05
C ASP A 225 -24.54 -19.89 -6.21
N GLY A 226 -25.83 -20.20 -6.02
CA GLY A 226 -26.70 -19.32 -5.29
C GLY A 226 -26.49 -19.35 -3.80
N GLU A 227 -26.09 -20.51 -3.25
CA GLU A 227 -25.84 -20.59 -1.82
C GLU A 227 -24.69 -19.68 -1.41
N LYS A 228 -23.77 -19.40 -2.32
CA LYS A 228 -22.67 -18.48 -2.03
C LYS A 228 -23.18 -17.05 -1.92
N ALA A 229 -24.11 -16.65 -2.78
CA ALA A 229 -24.73 -15.35 -2.61
C ALA A 229 -25.54 -15.29 -1.32
N ASP A 230 -26.27 -16.37 -1.01
CA ASP A 230 -27.02 -16.44 0.23
C ASP A 230 -26.09 -16.41 1.43
N SER A 231 -24.95 -17.09 1.32
CA SER A 231 -23.96 -17.07 2.39
C SER A 231 -23.36 -15.67 2.56
N THR A 232 -23.23 -14.91 1.47
CA THR A 232 -22.72 -13.55 1.57
C THR A 232 -23.68 -12.64 2.35
N GLU A 233 -24.97 -12.67 1.99
CA GLU A 233 -25.97 -11.92 2.74
C GLU A 233 -25.96 -12.33 4.22
N GLU A 234 -25.89 -13.64 4.47
CA GLU A 234 -25.90 -14.12 5.84
C GLU A 234 -24.65 -13.65 6.58
N SER A 235 -23.50 -13.61 5.91
CA SER A 235 -22.30 -13.11 6.54
C SER A 235 -22.46 -11.65 6.94
N ALA A 236 -23.08 -10.86 6.06
CA ALA A 236 -23.34 -9.46 6.39
C ALA A 236 -24.22 -9.32 7.62
N LYS A 237 -25.25 -10.16 7.74
CA LYS A 237 -26.14 -10.12 8.91
C LYS A 237 -25.38 -10.51 10.17
N VAL A 238 -24.59 -11.59 10.10
CA VAL A 238 -23.83 -12.06 11.26
C VAL A 238 -22.86 -10.99 11.72
N LEU A 239 -22.22 -10.29 10.76
CA LEU A 239 -21.28 -9.23 11.11
C LEU A 239 -21.98 -8.09 11.84
N VAL A 240 -23.21 -7.74 11.42
CA VAL A 240 -23.92 -6.70 12.14
C VAL A 240 -24.18 -7.14 13.57
N GLU A 241 -24.55 -8.41 13.76
CA GLU A 241 -24.68 -8.94 15.10
C GLU A 241 -23.35 -8.89 15.84
N ALA A 242 -22.25 -9.20 15.14
CA ALA A 242 -20.95 -9.18 15.76
C ALA A 242 -20.54 -7.76 16.16
N ILE A 243 -21.05 -6.73 15.48
CA ILE A 243 -20.76 -5.37 15.91
C ILE A 243 -21.57 -5.03 17.15
N LYS A 244 -22.82 -5.49 17.22
CA LYS A 244 -23.66 -5.20 18.36
C LYS A 244 -23.22 -6.01 19.57
N LYS A 245 -22.63 -7.17 19.37
CA LYS A 245 -22.07 -7.98 20.45
C LYS A 245 -20.57 -7.77 20.64
N GLN A 246 -19.92 -7.01 19.75
CA GLN A 246 -18.47 -6.77 19.79
C GLN A 246 -17.67 -8.08 19.84
N ILE A 247 -17.93 -8.98 18.90
CA ILE A 247 -17.08 -10.16 18.76
C ILE A 247 -15.87 -9.77 17.93
N LEU A 248 -14.73 -9.75 18.52
CA LEU A 248 -13.58 -9.16 17.87
C LEU A 248 -12.64 -10.23 17.32
N PRO A 249 -11.89 -9.90 16.25
CA PRO A 249 -10.85 -10.82 15.75
C PRO A 249 -9.90 -11.33 16.83
N SER A 250 -9.55 -10.49 17.80
CA SER A 250 -8.65 -10.93 18.86
C SER A 250 -9.26 -12.04 19.71
N GLN A 251 -10.59 -12.10 19.78
CA GLN A 251 -11.25 -13.14 20.55
C GLN A 251 -11.44 -14.43 19.74
N ILE A 252 -11.45 -14.33 18.42
CA ILE A 252 -11.61 -15.48 17.55
C ILE A 252 -10.26 -16.05 17.14
N LEU A 253 -9.34 -15.19 16.68
CA LEU A 253 -8.01 -15.60 16.22
C LEU A 253 -7.08 -15.85 17.42
N THR A 254 -7.42 -16.86 18.19
CA THR A 254 -6.60 -17.27 19.31
C THR A 254 -5.61 -18.35 18.89
N ARG A 255 -4.69 -18.67 19.81
CA ARG A 255 -3.74 -19.77 19.55
C ARG A 255 -4.48 -21.07 19.23
N LYS A 256 -5.62 -21.29 19.90
CA LYS A 256 -6.44 -22.48 19.66
C LYS A 256 -7.03 -22.47 18.25
N ALA A 257 -7.49 -21.31 17.78
CA ALA A 257 -7.96 -21.20 16.40
C ALA A 257 -6.85 -21.48 15.41
N PHE A 258 -5.62 -20.99 15.69
CA PHE A 258 -4.53 -21.27 14.76
C PHE A 258 -4.17 -22.77 14.76
N GLU A 259 -4.14 -23.39 15.94
CA GLU A 259 -3.96 -24.84 16.01
C GLU A 259 -5.07 -25.56 15.25
N ASN A 260 -6.30 -25.06 15.34
CA ASN A 260 -7.37 -25.65 14.56
C ASN A 260 -7.12 -25.52 13.05
N ALA A 261 -6.60 -24.36 12.62
CA ALA A 261 -6.34 -24.13 11.20
C ALA A 261 -5.18 -24.99 10.70
N ILE A 262 -4.14 -25.19 11.50
CA ILE A 262 -3.04 -26.05 11.05
C ILE A 262 -3.53 -27.48 10.86
N ALA A 263 -4.31 -28.00 11.82
CA ALA A 263 -4.85 -29.35 11.68
C ALA A 263 -5.67 -29.50 10.40
N VAL A 264 -6.54 -28.53 10.13
CA VAL A 264 -7.37 -28.64 8.93
C VAL A 264 -6.50 -28.59 7.69
N ILE A 265 -5.48 -27.74 7.71
CA ILE A 265 -4.61 -27.59 6.54
C ILE A 265 -3.86 -28.89 6.27
N MET A 266 -3.42 -29.57 7.33
CA MET A 266 -2.84 -30.91 7.17
C MET A 266 -3.89 -31.90 6.67
N ALA A 267 -5.11 -31.84 7.23
CA ALA A 267 -6.13 -32.83 6.90
C ALA A 267 -6.59 -32.73 5.46
N VAL A 268 -6.49 -31.56 4.83
CA VAL A 268 -6.94 -31.43 3.46
C VAL A 268 -5.81 -31.48 2.45
N GLY A 269 -4.57 -31.68 2.89
CA GLY A 269 -3.42 -31.60 2.00
C GLY A 269 -3.14 -30.20 1.44
N GLY A 270 -3.19 -29.19 2.30
CA GLY A 270 -3.12 -27.81 1.87
C GLY A 270 -1.74 -27.33 1.41
N SER A 271 -1.74 -26.12 0.84
CA SER A 271 -0.54 -25.55 0.25
C SER A 271 0.49 -25.14 1.31
N THR A 272 1.77 -25.24 0.92
CA THR A 272 2.83 -24.77 1.81
C THR A 272 2.76 -23.26 2.01
N ASN A 273 2.14 -22.52 1.09
CA ASN A 273 2.00 -21.09 1.29
C ASN A 273 1.15 -20.76 2.50
N ALA A 274 0.24 -21.67 2.89
CA ALA A 274 -0.61 -21.42 4.05
C ALA A 274 0.20 -21.32 5.32
N VAL A 275 1.34 -22.02 5.37
CA VAL A 275 2.22 -21.89 6.52
C VAL A 275 2.65 -20.45 6.69
N LEU A 276 3.06 -19.82 5.59
CA LEU A 276 3.54 -18.45 5.63
C LEU A 276 2.44 -17.50 6.05
N HIS A 277 1.26 -17.65 5.44
CA HIS A 277 0.18 -16.71 5.71
C HIS A 277 -0.35 -16.88 7.12
N LEU A 278 -0.39 -18.10 7.65
CA LEU A 278 -0.88 -18.29 9.00
C LEU A 278 0.11 -17.75 10.02
N LEU A 279 1.40 -17.96 9.77
CA LEU A 279 2.39 -17.34 10.63
C LEU A 279 2.21 -15.83 10.63
N ALA A 280 1.94 -15.24 9.46
CA ALA A 280 1.84 -13.78 9.39
C ALA A 280 0.64 -13.27 10.16
N ILE A 281 -0.48 -13.98 10.08
CA ILE A 281 -1.67 -13.53 10.80
C ILE A 281 -1.45 -13.61 12.30
N ALA A 282 -0.82 -14.70 12.77
CA ALA A 282 -0.58 -14.86 14.20
C ALA A 282 0.40 -13.81 14.72
N ASN A 283 1.50 -13.59 13.99
CA ASN A 283 2.45 -12.57 14.44
C ASN A 283 1.87 -11.17 14.30
N THR A 284 0.81 -10.98 13.51
CA THR A 284 0.16 -9.67 13.43
C THR A 284 -0.74 -9.45 14.65
N ILE A 285 -1.54 -10.46 15.01
CA ILE A 285 -2.48 -10.29 16.10
C ILE A 285 -1.85 -10.47 17.48
N GLY A 286 -0.61 -10.94 17.57
CA GLY A 286 0.02 -11.11 18.86
C GLY A 286 -0.15 -12.45 19.54
N VAL A 287 -0.42 -13.53 18.81
CA VAL A 287 -0.42 -14.84 19.47
C VAL A 287 0.81 -15.64 19.04
N PRO A 288 1.46 -16.36 19.95
CA PRO A 288 2.68 -17.11 19.58
C PRO A 288 2.37 -18.28 18.65
N LEU A 289 3.10 -18.34 17.53
CA LEU A 289 3.02 -19.45 16.59
C LEU A 289 4.38 -19.56 15.91
N SER A 290 4.89 -20.78 15.78
CA SER A 290 6.18 -21.02 15.13
C SER A 290 6.09 -22.21 14.19
N LEU A 291 7.12 -22.37 13.33
CA LEU A 291 7.19 -23.52 12.45
C LEU A 291 7.19 -24.84 13.22
N ASP A 292 7.79 -24.84 14.42
CA ASP A 292 7.77 -26.02 15.27
C ASP A 292 6.35 -26.50 15.53
N ASP A 293 5.41 -25.57 15.70
CA ASP A 293 4.02 -25.97 15.93
C ASP A 293 3.41 -26.65 14.73
N PHE A 294 3.78 -26.24 13.52
CA PHE A 294 3.31 -26.95 12.34
C PHE A 294 3.82 -28.39 12.32
N GLU A 295 5.10 -28.59 12.63
CA GLU A 295 5.70 -29.92 12.63
C GLU A 295 5.11 -30.78 13.74
N THR A 296 4.89 -30.19 14.92
CA THR A 296 4.26 -30.92 16.02
C THR A 296 2.87 -31.41 15.65
N ILE A 297 2.02 -30.52 15.11
CA ILE A 297 0.67 -30.93 14.74
C ILE A 297 0.71 -31.89 13.54
N ARG A 298 1.74 -31.78 12.68
CA ARG A 298 1.81 -32.62 11.49
C ARG A 298 1.81 -34.10 11.84
N HIS A 299 2.49 -34.46 12.92
CA HIS A 299 2.59 -35.87 13.32
C HIS A 299 1.30 -36.38 13.93
N LYS A 300 0.43 -35.50 14.41
CA LYS A 300 -0.79 -35.93 15.08
C LYS A 300 -1.99 -35.99 14.15
N VAL A 301 -1.88 -35.47 12.93
CA VAL A 301 -3.04 -35.27 12.06
C VAL A 301 -2.78 -35.98 10.74
N PRO A 302 -3.63 -36.92 10.33
CA PRO A 302 -3.46 -37.56 9.02
C PRO A 302 -4.00 -36.68 7.89
N VAL A 303 -3.54 -36.98 6.68
CA VAL A 303 -4.18 -36.42 5.49
C VAL A 303 -5.47 -37.20 5.29
N LEU A 304 -6.61 -36.51 5.47
CA LEU A 304 -7.91 -37.15 5.35
C LEU A 304 -8.53 -37.01 3.96
N CYS A 305 -8.12 -35.99 3.19
CA CYS A 305 -8.74 -35.66 1.92
C CYS A 305 -7.84 -36.02 0.75
N ASP A 306 -8.45 -36.52 -0.32
CA ASP A 306 -7.77 -36.94 -1.56
C ASP A 306 -8.04 -35.86 -2.62
N LEU A 307 -7.21 -34.82 -2.61
CA LEU A 307 -7.48 -33.58 -3.32
C LEU A 307 -6.32 -33.15 -4.19
N LYS A 308 -6.63 -32.63 -5.36
CA LYS A 308 -5.69 -31.94 -6.22
C LYS A 308 -5.00 -30.82 -5.43
N PRO A 309 -3.75 -30.48 -5.73
CA PRO A 309 -2.92 -30.99 -6.84
C PRO A 309 -2.34 -32.38 -6.59
N SER A 310 -2.00 -32.65 -5.33
CA SER A 310 -1.37 -33.92 -4.98
C SER A 310 -2.32 -35.10 -5.18
N GLY A 311 -3.59 -34.92 -4.83
CA GLY A 311 -4.55 -36.01 -4.84
C GLY A 311 -5.46 -35.96 -6.05
N LYS A 312 -6.64 -36.58 -5.90
CA LYS A 312 -7.45 -36.98 -7.03
C LYS A 312 -8.70 -36.13 -7.27
N TYR A 313 -9.27 -35.51 -6.24
CA TYR A 313 -10.52 -34.78 -6.39
C TYR A 313 -10.29 -33.27 -6.32
N VAL A 314 -11.36 -32.53 -6.61
CA VAL A 314 -11.34 -31.06 -6.58
C VAL A 314 -12.32 -30.58 -5.51
N THR A 315 -12.31 -29.26 -5.27
CA THR A 315 -13.00 -28.72 -4.11
C THR A 315 -14.51 -28.96 -4.17
N THR A 316 -15.08 -29.05 -5.37
CA THR A 316 -16.51 -29.31 -5.50
C THR A 316 -16.86 -30.70 -4.97
N ASN A 317 -15.98 -31.68 -5.19
CA ASN A 317 -16.22 -33.01 -4.61
C ASN A 317 -16.12 -32.97 -3.09
N LEU A 318 -15.17 -32.21 -2.56
CA LEU A 318 -15.06 -32.04 -1.12
C LEU A 318 -16.32 -31.39 -0.57
N HIS A 319 -16.81 -30.36 -1.25
CA HIS A 319 -18.04 -29.70 -0.80
C HIS A 319 -19.20 -30.68 -0.77
N ALA A 320 -19.33 -31.51 -1.80
CA ALA A 320 -20.41 -32.49 -1.86
C ALA A 320 -20.29 -33.54 -0.78
N ALA A 321 -19.07 -33.87 -0.36
CA ALA A 321 -18.88 -34.91 0.65
C ALA A 321 -19.02 -34.39 2.08
N GLY A 322 -19.44 -33.13 2.27
CA GLY A 322 -19.60 -32.56 3.59
C GLY A 322 -18.71 -31.36 3.89
N GLY A 323 -17.75 -31.03 3.02
CA GLY A 323 -16.92 -29.85 3.16
C GLY A 323 -16.03 -29.80 4.40
N ILE A 324 -15.60 -28.56 4.70
CA ILE A 324 -14.77 -28.34 5.88
C ILE A 324 -15.47 -28.70 7.17
N PRO A 325 -16.78 -28.46 7.35
CA PRO A 325 -17.43 -28.94 8.59
C PRO A 325 -17.28 -30.44 8.80
N GLN A 326 -17.38 -31.25 7.75
CA GLN A 326 -17.21 -32.69 7.95
C GLN A 326 -15.78 -33.01 8.34
N VAL A 327 -14.82 -32.35 7.70
CA VAL A 327 -13.41 -32.54 8.04
C VAL A 327 -13.16 -32.14 9.48
N MET A 328 -13.67 -30.95 9.86
CA MET A 328 -13.43 -30.45 11.20
C MET A 328 -14.05 -31.37 12.25
N LYS A 329 -15.27 -31.86 11.98
CA LYS A 329 -15.91 -32.74 12.95
C LYS A 329 -15.12 -34.02 13.15
N ILE A 330 -14.55 -34.60 12.08
CA ILE A 330 -13.71 -35.77 12.25
C ILE A 330 -12.53 -35.45 13.17
N LEU A 331 -11.89 -34.29 12.96
CA LEU A 331 -10.78 -33.87 13.82
C LEU A 331 -11.21 -33.57 15.25
N LEU A 332 -12.44 -33.08 15.45
CA LEU A 332 -12.91 -32.80 16.79
C LEU A 332 -13.10 -34.10 17.58
N VAL A 333 -13.88 -35.04 17.04
CA VAL A 333 -14.16 -36.28 17.74
C VAL A 333 -12.91 -37.14 17.91
N ASN A 334 -11.85 -36.89 17.15
CA ASN A 334 -10.64 -37.70 17.29
C ASN A 334 -9.55 -37.02 18.08
N GLY A 335 -9.88 -35.95 18.81
CA GLY A 335 -9.01 -35.37 19.80
C GLY A 335 -8.12 -34.22 19.36
N ILE A 336 -8.21 -33.77 18.11
CA ILE A 336 -7.31 -32.72 17.63
C ILE A 336 -7.91 -31.33 17.84
N LEU A 337 -9.13 -31.13 17.37
CA LEU A 337 -9.70 -29.79 17.31
C LEU A 337 -10.06 -29.27 18.70
N HIS A 338 -9.80 -27.98 18.91
CA HIS A 338 -10.30 -27.27 20.08
C HIS A 338 -11.75 -26.88 19.87
N GLY A 339 -12.68 -27.56 20.56
CA GLY A 339 -14.10 -27.27 20.39
C GLY A 339 -14.56 -26.00 21.05
N ASP A 340 -13.79 -25.49 22.02
CA ASP A 340 -14.18 -24.31 22.78
C ASP A 340 -13.73 -23.00 22.13
N ALA A 341 -13.00 -23.05 21.01
CA ALA A 341 -12.67 -21.84 20.28
C ALA A 341 -13.92 -21.17 19.71
N LEU A 342 -13.88 -19.86 19.61
CA LEU A 342 -15.04 -19.06 19.26
C LEU A 342 -15.08 -18.77 17.76
N THR A 343 -16.30 -18.64 17.21
CA THR A 343 -16.49 -18.24 15.82
C THR A 343 -17.26 -16.94 15.74
N ILE A 344 -17.35 -16.42 14.52
CA ILE A 344 -17.85 -15.06 14.31
C ILE A 344 -19.33 -14.96 14.67
N THR A 345 -20.05 -16.07 14.75
CA THR A 345 -21.46 -16.01 15.15
C THR A 345 -21.66 -15.97 16.65
N GLY A 346 -20.62 -16.18 17.44
CA GLY A 346 -20.78 -16.29 18.85
C GLY A 346 -20.85 -17.71 19.37
N GLN A 347 -21.13 -18.68 18.50
CA GLN A 347 -21.06 -20.08 18.90
C GLN A 347 -19.62 -20.57 18.86
N THR A 348 -19.33 -21.57 19.68
CA THR A 348 -18.03 -22.18 19.61
C THR A 348 -17.98 -23.20 18.46
N ILE A 349 -16.77 -23.66 18.17
CA ILE A 349 -16.54 -24.68 17.14
C ILE A 349 -17.40 -25.92 17.39
N ALA A 350 -17.37 -26.42 18.64
CA ALA A 350 -18.10 -27.65 18.95
C ALA A 350 -19.60 -27.45 18.75
N GLU A 351 -20.11 -26.27 19.11
CA GLU A 351 -21.53 -25.96 18.93
C GLU A 351 -21.88 -25.85 17.45
N VAL A 352 -21.02 -25.21 16.67
CA VAL A 352 -21.28 -25.04 15.24
C VAL A 352 -21.31 -26.39 14.53
N LEU A 353 -20.51 -27.35 14.99
CA LEU A 353 -20.40 -28.66 14.38
C LEU A 353 -21.33 -29.71 15.01
N ALA A 354 -22.29 -29.29 15.85
CA ALA A 354 -22.99 -30.26 16.69
C ALA A 354 -23.76 -31.29 15.86
N ASP A 355 -24.35 -30.88 14.75
CA ASP A 355 -25.15 -31.80 13.95
C ASP A 355 -24.36 -32.51 12.86
N ILE A 356 -23.06 -32.29 12.75
CA ILE A 356 -22.27 -32.96 11.71
C ILE A 356 -21.97 -34.38 12.15
N PRO A 357 -22.17 -35.38 11.29
CA PRO A 357 -21.84 -36.77 11.66
C PRO A 357 -20.38 -36.93 12.05
N ASP A 358 -20.14 -37.89 12.94
CA ASP A 358 -18.78 -38.15 13.40
C ASP A 358 -17.89 -38.72 12.30
N GLN A 359 -18.47 -39.34 11.27
CA GLN A 359 -17.71 -39.95 10.20
C GLN A 359 -18.21 -39.44 8.85
N PRO A 360 -17.35 -39.46 7.83
CA PRO A 360 -17.78 -38.95 6.51
C PRO A 360 -18.81 -39.88 5.91
N PRO A 361 -19.59 -39.41 4.93
CA PRO A 361 -20.63 -40.25 4.32
C PRO A 361 -20.04 -41.49 3.68
N ALA A 362 -20.88 -42.51 3.57
CA ALA A 362 -20.49 -43.70 2.82
C ALA A 362 -20.60 -43.42 1.32
N GLY A 363 -19.94 -44.28 0.54
CA GLY A 363 -20.02 -44.15 -0.90
C GLY A 363 -19.22 -43.03 -1.51
N GLN A 364 -18.29 -42.43 -0.77
CA GLN A 364 -17.40 -41.44 -1.35
C GLN A 364 -16.03 -41.63 -0.73
N ASP A 365 -14.98 -41.33 -1.51
CA ASP A 365 -13.62 -41.40 -0.97
C ASP A 365 -12.88 -40.08 -1.10
N VAL A 366 -13.60 -38.97 -1.17
CA VAL A 366 -12.98 -37.64 -1.11
C VAL A 366 -12.43 -37.39 0.29
N ILE A 367 -13.26 -37.62 1.30
CA ILE A 367 -12.89 -37.51 2.69
C ILE A 367 -12.84 -38.93 3.24
N HIS A 368 -11.64 -39.37 3.58
CA HIS A 368 -11.44 -40.67 4.20
C HIS A 368 -11.80 -40.63 5.68
N SER A 369 -11.97 -41.81 6.25
CA SER A 369 -12.20 -41.92 7.67
C SER A 369 -10.87 -41.79 8.41
N TRP A 370 -10.98 -41.50 9.71
CA TRP A 370 -9.79 -41.36 10.54
C TRP A 370 -8.93 -42.61 10.53
N ASP A 371 -9.56 -43.79 10.45
CA ASP A 371 -8.84 -45.04 10.53
C ASP A 371 -8.41 -45.56 9.17
N ASP A 372 -8.83 -44.95 8.07
CA ASP A 372 -8.31 -45.26 6.74
C ASP A 372 -7.93 -43.97 6.01
N PRO A 373 -6.95 -43.23 6.51
CA PRO A 373 -6.62 -41.94 5.92
C PRO A 373 -5.85 -42.10 4.62
N VAL A 374 -5.76 -40.99 3.87
CA VAL A 374 -4.90 -40.96 2.68
C VAL A 374 -3.43 -41.12 3.07
N TYR A 375 -2.97 -40.37 4.05
CA TYR A 375 -1.65 -40.56 4.63
C TYR A 375 -1.78 -40.51 6.14
N GLN A 376 -0.86 -41.18 6.83
CA GLN A 376 -1.03 -41.33 8.26
C GLN A 376 -0.63 -40.07 9.03
N GLU A 377 0.26 -39.26 8.47
CA GLU A 377 0.62 -37.97 9.05
C GLU A 377 0.48 -36.91 7.97
N GLY A 378 0.62 -35.66 8.39
CA GLY A 378 0.52 -34.54 7.48
C GLY A 378 1.74 -34.45 6.58
N HIS A 379 1.59 -33.62 5.56
CA HIS A 379 2.50 -33.52 4.44
C HIS A 379 3.41 -32.30 4.50
N LEU A 380 3.16 -31.34 5.41
CA LEU A 380 3.92 -30.09 5.47
C LEU A 380 5.00 -30.21 6.52
N ALA A 381 6.16 -30.70 6.11
CA ALA A 381 7.26 -31.00 7.02
C ALA A 381 8.17 -29.78 7.21
N VAL A 382 8.69 -29.65 8.43
CA VAL A 382 9.63 -28.59 8.78
C VAL A 382 11.01 -29.23 8.95
N LEU A 383 11.97 -28.83 8.12
CA LEU A 383 13.34 -29.32 8.25
C LEU A 383 14.22 -28.27 8.89
N LYS A 384 15.07 -28.68 9.82
CA LYS A 384 15.98 -27.76 10.50
C LYS A 384 17.38 -28.31 10.54
N GLY A 385 18.32 -27.43 10.85
CA GLY A 385 19.71 -27.81 10.91
C GLY A 385 20.58 -26.58 10.78
N ASN A 386 21.89 -26.81 10.68
CA ASN A 386 22.80 -25.69 10.51
C ASN A 386 22.52 -24.94 9.20
N LEU A 387 21.89 -25.58 8.21
CA LEU A 387 21.52 -24.88 6.98
C LEU A 387 20.22 -24.11 7.12
N ALA A 388 19.42 -24.37 8.15
CA ALA A 388 18.17 -23.64 8.40
C ALA A 388 17.86 -23.67 9.90
N THR A 389 18.59 -22.85 10.66
CA THR A 389 18.42 -22.85 12.12
C THR A 389 17.03 -22.37 12.54
N GLU A 390 16.38 -21.55 11.73
CA GLU A 390 15.02 -21.16 12.06
C GLU A 390 13.96 -22.07 11.45
N GLY A 391 14.32 -22.89 10.48
CA GLY A 391 13.41 -23.85 9.88
C GLY A 391 13.24 -23.61 8.39
N SER A 392 12.45 -24.49 7.78
CA SER A 392 12.20 -24.54 6.35
C SER A 392 11.00 -25.47 6.12
N VAL A 393 10.36 -25.34 4.96
CA VAL A 393 9.15 -26.11 4.67
C VAL A 393 9.38 -26.97 3.43
N ALA A 394 8.97 -28.23 3.52
CA ALA A 394 9.08 -29.17 2.41
C ALA A 394 7.80 -30.01 2.39
N LYS A 395 7.11 -30.01 1.26
CA LYS A 395 5.98 -30.91 1.05
C LYS A 395 6.52 -32.30 0.69
N ILE A 396 6.25 -33.28 1.54
CA ILE A 396 6.79 -34.62 1.37
C ILE A 396 5.73 -35.57 0.82
N SER A 397 4.83 -35.05 -0.01
CA SER A 397 3.66 -35.81 -0.44
C SER A 397 4.00 -36.97 -1.37
N GLY A 398 4.46 -36.66 -2.58
CA GLY A 398 4.73 -37.70 -3.58
C GLY A 398 6.20 -38.06 -3.73
N VAL A 399 6.95 -37.99 -2.64
CA VAL A 399 8.40 -38.18 -2.63
C VAL A 399 8.73 -39.63 -2.27
N LYS A 400 9.27 -40.38 -3.23
CA LYS A 400 9.55 -41.81 -3.04
C LYS A 400 10.70 -42.03 -2.04
N LYS A 401 11.83 -41.36 -2.24
CA LYS A 401 12.96 -41.47 -1.33
C LYS A 401 13.19 -40.13 -0.65
N PRO A 402 12.87 -39.99 0.62
CA PRO A 402 12.85 -38.66 1.23
C PRO A 402 14.18 -38.32 1.90
N VAL A 403 15.29 -38.78 1.32
CA VAL A 403 16.64 -38.45 1.75
C VAL A 403 17.51 -38.24 0.51
N ILE A 404 18.42 -37.27 0.56
CA ILE A 404 19.49 -37.17 -0.44
C ILE A 404 20.67 -36.44 0.17
N THR A 405 21.87 -36.92 -0.13
CA THR A 405 23.11 -36.21 0.15
C THR A 405 23.87 -36.06 -1.15
N GLY A 406 24.17 -34.81 -1.52
CA GLY A 406 24.82 -34.55 -2.78
C GLY A 406 25.60 -33.27 -2.80
N PRO A 407 26.37 -33.07 -3.88
CA PRO A 407 27.15 -31.83 -4.01
C PRO A 407 26.25 -30.64 -4.34
N ALA A 408 26.63 -29.50 -3.79
CA ALA A 408 25.85 -28.27 -3.91
C ALA A 408 26.09 -27.61 -5.25
N LYS A 409 25.01 -27.15 -5.88
CA LYS A 409 25.05 -26.23 -7.01
C LYS A 409 24.30 -24.97 -6.62
N VAL A 410 25.00 -23.84 -6.54
CA VAL A 410 24.46 -22.63 -5.90
C VAL A 410 24.18 -21.55 -6.94
N PHE A 411 23.07 -20.84 -6.74
CA PHE A 411 22.62 -19.74 -7.60
C PHE A 411 22.08 -18.59 -6.75
N GLU A 412 22.35 -17.37 -7.22
CA GLU A 412 21.96 -16.15 -6.53
C GLU A 412 20.66 -15.58 -7.07
N SER A 413 19.99 -16.31 -7.97
CA SER A 413 18.70 -15.88 -8.49
C SER A 413 18.03 -17.04 -9.19
N GLU A 414 16.72 -16.93 -9.36
CA GLU A 414 16.00 -17.92 -10.15
C GLU A 414 16.57 -18.01 -11.57
N GLU A 415 16.84 -16.86 -12.19
CA GLU A 415 17.30 -16.84 -13.58
C GLU A 415 18.60 -17.63 -13.73
N ASP A 416 19.58 -17.35 -12.87
CA ASP A 416 20.87 -18.04 -12.94
C ASP A 416 20.68 -19.54 -12.82
N CYS A 417 19.69 -19.96 -12.01
CA CYS A 417 19.43 -21.38 -11.82
C CYS A 417 18.79 -22.00 -13.06
N LEU A 418 17.74 -21.35 -13.58
CA LEU A 418 17.11 -21.85 -14.78
C LEU A 418 18.11 -21.93 -15.94
N GLU A 419 18.96 -20.91 -16.06
CA GLU A 419 19.99 -20.93 -17.09
C GLU A 419 20.87 -22.17 -16.97
N ALA A 420 21.32 -22.48 -15.75
CA ALA A 420 22.22 -23.61 -15.56
C ALA A 420 21.53 -24.93 -15.83
N ILE A 421 20.24 -25.04 -15.49
CA ILE A 421 19.55 -26.31 -15.74
C ILE A 421 19.44 -26.56 -17.23
N LEU A 422 18.97 -25.54 -17.97
CA LEU A 422 18.83 -25.63 -19.41
C LEU A 422 20.19 -25.81 -20.09
N ALA A 423 21.23 -25.20 -19.54
CA ALA A 423 22.55 -25.47 -20.11
C ALA A 423 23.08 -26.88 -19.73
N GLY A 424 22.30 -27.78 -19.14
CA GLY A 424 22.84 -29.07 -18.78
C GLY A 424 23.88 -29.04 -17.69
N LYS A 425 23.88 -28.04 -16.83
CA LYS A 425 24.90 -27.94 -15.79
C LYS A 425 24.52 -28.65 -14.49
N ILE A 426 23.32 -29.19 -14.38
CA ILE A 426 22.88 -29.93 -13.19
C ILE A 426 22.83 -31.41 -13.52
N GLN A 427 23.45 -32.25 -12.69
CA GLN A 427 23.36 -33.67 -12.98
C GLN A 427 22.60 -34.38 -11.88
N ALA A 428 22.22 -35.62 -12.16
CA ALA A 428 21.68 -36.49 -11.13
C ALA A 428 22.59 -36.48 -9.89
N GLY A 429 21.95 -36.43 -8.71
CA GLY A 429 22.64 -36.40 -7.45
C GLY A 429 22.93 -35.03 -6.88
N ASP A 430 22.72 -33.96 -7.67
CA ASP A 430 23.02 -32.61 -7.22
C ASP A 430 22.00 -32.11 -6.21
N VAL A 431 22.46 -31.22 -5.34
CA VAL A 431 21.59 -30.43 -4.48
C VAL A 431 21.66 -28.99 -5.00
N VAL A 432 20.58 -28.53 -5.62
CA VAL A 432 20.49 -27.19 -6.18
C VAL A 432 20.03 -26.21 -5.11
N VAL A 433 20.79 -25.14 -4.91
CA VAL A 433 20.51 -24.12 -3.92
C VAL A 433 20.21 -22.80 -4.65
N VAL A 434 19.00 -22.26 -4.47
CA VAL A 434 18.66 -20.96 -5.04
C VAL A 434 18.53 -19.98 -3.89
N ARG A 435 19.48 -19.05 -3.77
CA ARG A 435 19.51 -18.18 -2.59
C ARG A 435 19.37 -16.71 -3.00
N TYR A 436 19.31 -15.83 -2.00
CA TYR A 436 19.00 -14.42 -2.21
C TYR A 436 17.66 -14.25 -2.93
N GLU A 437 16.75 -15.19 -2.72
CA GLU A 437 15.36 -15.05 -3.15
C GLU A 437 14.38 -14.94 -1.97
N GLY A 438 14.89 -14.66 -0.76
CA GLY A 438 14.04 -14.57 0.40
C GLY A 438 13.23 -13.28 0.49
N PRO A 439 12.61 -13.03 1.66
CA PRO A 439 11.77 -11.81 1.80
C PRO A 439 12.53 -10.53 1.51
N LYS A 440 13.73 -10.37 2.09
CA LYS A 440 14.59 -9.22 1.78
C LYS A 440 15.45 -9.43 0.55
N GLY A 441 15.90 -10.67 0.33
CA GLY A 441 16.89 -10.93 -0.70
C GLY A 441 16.32 -10.79 -2.09
N GLY A 442 15.08 -11.23 -2.29
CA GLY A 442 14.41 -11.12 -3.58
C GLY A 442 14.42 -9.72 -4.17
N PRO A 443 13.79 -8.75 -3.47
CA PRO A 443 12.94 -8.96 -2.29
C PRO A 443 11.65 -9.61 -2.73
N GLY A 444 10.81 -10.02 -1.78
CA GLY A 444 9.45 -10.44 -2.05
C GLY A 444 9.19 -11.93 -1.93
N MET A 445 10.23 -12.74 -1.74
CA MET A 445 10.06 -14.18 -1.55
C MET A 445 9.17 -14.79 -2.64
N ARG A 446 9.52 -14.50 -3.89
CA ARG A 446 8.67 -14.91 -5.00
C ARG A 446 8.58 -16.43 -5.11
N GLU A 447 7.44 -16.90 -5.60
CA GLU A 447 7.30 -18.30 -5.98
C GLU A 447 8.08 -18.55 -7.26
N MET A 448 8.82 -19.66 -7.31
CA MET A 448 9.60 -19.98 -8.50
C MET A 448 9.09 -21.30 -9.06
N LEU A 449 8.45 -21.23 -10.24
CA LEU A 449 7.97 -22.44 -10.89
C LEU A 449 8.97 -22.99 -11.90
N ALA A 450 9.70 -22.11 -12.59
CA ALA A 450 10.65 -22.53 -13.60
C ALA A 450 11.64 -23.58 -13.11
N PRO A 451 12.28 -23.44 -11.93
CA PRO A 451 13.29 -24.44 -11.57
C PRO A 451 12.73 -25.84 -11.44
N THR A 452 11.58 -26.04 -10.78
CA THR A 452 11.05 -27.40 -10.66
C THR A 452 10.59 -27.92 -12.00
N SER A 453 9.94 -27.07 -12.79
CA SER A 453 9.50 -27.52 -14.11
C SER A 453 10.69 -27.86 -15.00
N ALA A 454 11.74 -27.04 -14.97
CA ALA A 454 12.89 -27.33 -15.81
C ALA A 454 13.59 -28.60 -15.36
N ILE A 455 13.60 -28.84 -14.05
CA ILE A 455 14.21 -30.05 -13.50
C ILE A 455 13.45 -31.28 -13.98
N ILE A 456 12.11 -31.20 -14.00
CA ILE A 456 11.31 -32.33 -14.47
C ILE A 456 11.58 -32.58 -15.94
N GLY A 457 11.67 -31.51 -16.74
CA GLY A 457 11.94 -31.66 -18.16
C GLY A 457 13.30 -32.23 -18.47
N ALA A 458 14.31 -31.89 -17.66
CA ALA A 458 15.62 -32.52 -17.80
C ALA A 458 15.63 -33.96 -17.32
N GLY A 459 14.50 -34.50 -16.86
CA GLY A 459 14.49 -35.85 -16.34
C GLY A 459 15.21 -36.04 -15.03
N LEU A 460 15.43 -34.97 -14.26
CA LEU A 460 16.19 -35.04 -13.01
C LEU A 460 15.32 -34.93 -11.77
N GLY A 461 14.00 -34.98 -11.94
CA GLY A 461 13.10 -34.65 -10.85
C GLY A 461 13.33 -35.49 -9.61
N ASP A 462 13.56 -36.78 -9.81
CA ASP A 462 13.69 -37.77 -8.75
C ASP A 462 15.13 -37.97 -8.29
N SER A 463 16.09 -37.20 -8.82
CA SER A 463 17.49 -37.44 -8.48
C SER A 463 18.25 -36.20 -8.05
N VAL A 464 17.61 -35.03 -7.95
CA VAL A 464 18.24 -33.85 -7.39
C VAL A 464 17.35 -33.28 -6.30
N GLY A 465 18.00 -32.64 -5.33
CA GLY A 465 17.30 -31.87 -4.32
C GLY A 465 17.30 -30.40 -4.68
N LEU A 466 16.26 -29.70 -4.20
CA LEU A 466 16.07 -28.26 -4.43
C LEU A 466 15.81 -27.56 -3.11
N ILE A 467 16.63 -26.56 -2.79
CA ILE A 467 16.36 -25.78 -1.59
C ILE A 467 16.45 -24.29 -1.92
N THR A 468 15.67 -23.49 -1.20
CA THR A 468 15.73 -22.06 -1.43
C THR A 468 15.27 -21.29 -0.21
N ASP A 469 15.81 -20.07 -0.06
CA ASP A 469 15.22 -19.15 0.92
C ASP A 469 13.99 -18.46 0.36
N GLY A 470 13.65 -18.71 -0.90
CA GLY A 470 12.40 -18.26 -1.49
C GLY A 470 11.33 -19.32 -1.42
N ARG A 471 10.55 -19.43 -2.49
CA ARG A 471 9.50 -20.45 -2.59
C ARG A 471 9.56 -21.11 -3.96
N PHE A 472 9.24 -22.40 -3.98
CA PHE A 472 9.04 -23.16 -5.21
C PHE A 472 7.56 -23.49 -5.37
N SER A 473 7.07 -23.44 -6.58
CA SER A 473 5.76 -23.99 -6.89
C SER A 473 5.93 -25.21 -7.81
N GLY A 474 5.02 -26.17 -7.69
CA GLY A 474 5.20 -27.41 -8.41
C GLY A 474 6.16 -28.33 -7.69
N GLY A 475 5.89 -29.64 -7.73
CA GLY A 475 6.76 -30.63 -7.15
C GLY A 475 7.68 -31.23 -8.20
N THR A 476 8.50 -32.18 -7.78
CA THR A 476 9.38 -32.86 -8.70
C THR A 476 9.41 -34.37 -8.52
N TYR A 477 8.65 -34.92 -7.58
CA TYR A 477 8.82 -36.27 -7.06
C TYR A 477 10.13 -36.40 -6.28
N GLY A 478 10.90 -35.32 -6.14
CA GLY A 478 12.06 -35.32 -5.27
C GLY A 478 11.90 -34.37 -4.10
N LEU A 479 12.98 -34.11 -3.38
CA LEU A 479 12.93 -33.24 -2.21
C LEU A 479 13.00 -31.79 -2.67
N VAL A 480 11.95 -31.03 -2.37
CA VAL A 480 11.85 -29.61 -2.72
C VAL A 480 11.63 -28.84 -1.41
N VAL A 481 12.57 -27.98 -1.04
CA VAL A 481 12.58 -27.30 0.25
C VAL A 481 12.57 -25.80 0.04
N GLY A 482 11.58 -25.12 0.65
CA GLY A 482 11.49 -23.68 0.61
C GLY A 482 11.47 -23.07 2.00
N HIS A 483 11.38 -21.73 2.02
CA HIS A 483 11.33 -20.93 3.25
C HIS A 483 12.57 -21.13 4.12
N VAL A 484 13.73 -21.36 3.53
CA VAL A 484 14.92 -21.58 4.36
C VAL A 484 15.25 -20.31 5.14
N ALA A 485 15.22 -20.40 6.45
CA ALA A 485 15.44 -19.25 7.32
C ALA A 485 16.49 -19.58 8.37
N PRO A 486 17.40 -18.63 8.70
CA PRO A 486 17.46 -17.25 8.13
C PRO A 486 17.81 -17.22 6.65
N GLU A 487 17.28 -16.24 5.91
CA GLU A 487 17.56 -16.16 4.48
C GLU A 487 19.00 -15.69 4.25
N ALA A 488 19.44 -15.77 2.99
CA ALA A 488 20.83 -15.44 2.69
C ALA A 488 21.11 -13.97 2.93
N TYR A 489 20.14 -13.10 2.62
CA TYR A 489 20.38 -11.67 2.69
C TYR A 489 20.84 -11.24 4.09
N VAL A 490 20.30 -11.86 5.14
CA VAL A 490 20.65 -11.46 6.50
C VAL A 490 21.78 -12.32 7.07
N GLY A 491 22.46 -13.09 6.23
CA GLY A 491 23.59 -13.88 6.70
C GLY A 491 23.24 -15.26 7.20
N GLY A 492 22.09 -15.80 6.83
CA GLY A 492 21.84 -17.20 7.12
C GLY A 492 22.90 -18.11 6.50
N ALA A 493 23.06 -19.30 7.10
CA ALA A 493 24.09 -20.20 6.62
C ALA A 493 23.90 -20.57 5.15
N ILE A 494 22.68 -20.46 4.61
CA ILE A 494 22.48 -20.71 3.17
C ILE A 494 23.33 -19.77 2.31
N ALA A 495 23.62 -18.57 2.81
CA ALA A 495 24.53 -17.66 2.10
C ALA A 495 25.98 -18.15 2.14
N LEU A 496 26.30 -19.13 2.97
CA LEU A 496 27.69 -19.58 3.12
C LEU A 496 27.97 -20.88 2.39
N VAL A 497 26.95 -21.47 1.74
CA VAL A 497 27.17 -22.63 0.89
C VAL A 497 28.11 -22.27 -0.24
N GLN A 498 29.08 -23.15 -0.50
CA GLN A 498 29.97 -22.99 -1.63
C GLN A 498 29.80 -24.18 -2.56
N GLU A 499 30.03 -23.94 -3.86
CA GLU A 499 29.88 -25.00 -4.85
C GLU A 499 30.69 -26.23 -4.46
N GLY A 500 30.05 -27.40 -4.52
CA GLY A 500 30.69 -28.62 -4.18
C GLY A 500 30.55 -29.05 -2.72
N ASP A 501 30.13 -28.17 -1.83
CA ASP A 501 29.79 -28.60 -0.47
C ASP A 501 28.79 -29.76 -0.53
N GLN A 502 28.92 -30.72 0.37
CA GLN A 502 27.89 -31.74 0.48
C GLN A 502 26.73 -31.21 1.34
N ILE A 503 25.51 -31.44 0.89
CA ILE A 503 24.29 -31.07 1.61
C ILE A 503 23.45 -32.33 1.80
N THR A 504 22.93 -32.51 3.02
CA THR A 504 22.00 -33.59 3.32
C THR A 504 20.61 -33.01 3.52
N ILE A 505 19.64 -33.53 2.77
CA ILE A 505 18.22 -33.30 2.99
C ILE A 505 17.63 -34.63 3.44
N ASP A 506 17.18 -34.71 4.70
CA ASP A 506 16.73 -35.97 5.29
C ASP A 506 15.38 -35.74 5.98
N ALA A 507 14.30 -36.12 5.30
CA ALA A 507 12.97 -35.89 5.86
C ALA A 507 12.72 -36.77 7.09
N GLY A 508 13.32 -37.96 7.12
CA GLY A 508 13.20 -38.82 8.28
C GLY A 508 13.84 -38.25 9.52
N LYS A 509 14.94 -37.52 9.36
CA LYS A 509 15.53 -36.83 10.50
C LYS A 509 15.00 -35.41 10.66
N ARG A 510 14.11 -34.97 9.78
CA ARG A 510 13.71 -33.56 9.66
C ARG A 510 14.93 -32.65 9.69
N LEU A 511 15.89 -32.99 8.81
CA LEU A 511 17.21 -32.39 8.83
C LEU A 511 17.54 -31.75 7.48
N LEU A 512 18.02 -30.50 7.53
CA LEU A 512 18.60 -29.80 6.38
C LEU A 512 19.99 -29.34 6.83
N GLN A 513 21.03 -29.92 6.24
CA GLN A 513 22.37 -29.79 6.79
C GLN A 513 23.42 -29.50 5.73
N LEU A 514 24.34 -28.61 6.07
CA LEU A 514 25.54 -28.34 5.30
C LEU A 514 26.69 -29.10 5.93
N ASN A 515 27.29 -30.05 5.20
CA ASN A 515 28.19 -31.02 5.82
C ASN A 515 29.63 -30.49 5.84
N ILE A 516 29.83 -29.44 6.62
CA ILE A 516 31.15 -28.90 6.88
C ILE A 516 31.27 -28.73 8.39
N SER A 517 32.50 -28.58 8.86
CA SER A 517 32.72 -28.48 10.29
C SER A 517 32.11 -27.20 10.82
N GLU A 518 31.72 -27.25 12.08
CA GLU A 518 31.18 -26.06 12.72
C GLU A 518 32.18 -24.93 12.65
N GLU A 519 33.45 -25.25 12.66
CA GLU A 519 34.37 -24.15 12.64
C GLU A 519 34.69 -23.62 11.24
N GLU A 520 34.58 -24.44 10.19
CA GLU A 520 34.71 -23.83 8.88
C GLU A 520 33.50 -22.97 8.54
N LEU A 521 32.31 -23.36 9.02
CA LEU A 521 31.12 -22.52 8.90
C LEU A 521 31.30 -21.18 9.61
N ALA A 522 31.89 -21.20 10.80
CA ALA A 522 32.11 -19.95 11.50
C ALA A 522 33.18 -19.13 10.81
N GLN A 523 34.18 -19.78 10.22
CA GLN A 523 35.21 -18.97 9.56
C GLN A 523 34.64 -18.38 8.27
N ARG A 524 33.77 -19.10 7.54
CA ARG A 524 33.09 -18.52 6.38
C ARG A 524 32.18 -17.39 6.80
N ARG A 525 31.46 -17.58 7.91
CA ARG A 525 30.57 -16.54 8.40
C ARG A 525 31.34 -15.26 8.72
N ALA A 526 32.56 -15.39 9.25
CA ALA A 526 33.32 -14.20 9.61
C ALA A 526 33.74 -13.40 8.38
N GLN A 527 33.88 -14.05 7.23
CA GLN A 527 34.26 -13.39 5.99
C GLN A 527 33.08 -12.91 5.15
N TRP A 528 31.85 -13.22 5.54
CA TRP A 528 30.69 -12.90 4.72
C TRP A 528 30.36 -11.42 4.84
N THR A 529 29.99 -10.81 3.72
CA THR A 529 29.61 -9.42 3.79
C THR A 529 28.20 -9.23 3.26
N PRO A 530 27.41 -8.38 3.91
CA PRO A 530 26.02 -8.15 3.47
C PRO A 530 25.98 -7.61 2.05
N PRO A 531 25.07 -8.10 1.22
CA PRO A 531 24.98 -7.62 -0.16
C PRO A 531 24.32 -6.25 -0.24
N GLN A 532 24.47 -5.64 -1.38
CA GLN A 532 23.75 -4.41 -1.68
C GLN A 532 22.35 -4.74 -2.21
N PRO A 533 21.35 -3.94 -1.88
CA PRO A 533 19.97 -4.26 -2.29
C PRO A 533 19.80 -4.23 -3.79
N ARG A 534 19.01 -5.15 -4.33
CA ARG A 534 18.77 -5.15 -5.77
C ARG A 534 18.02 -3.90 -6.19
N TYR A 535 17.14 -3.37 -5.34
CA TYR A 535 16.31 -2.22 -5.68
C TYR A 535 16.50 -1.18 -4.59
N PRO A 536 17.26 -0.12 -4.85
CA PRO A 536 17.47 0.89 -3.81
C PRO A 536 16.23 1.72 -3.51
N ARG A 537 15.25 1.76 -4.42
CA ARG A 537 14.11 2.66 -4.27
C ARG A 537 12.87 1.91 -4.74
N GLY A 538 11.74 2.58 -4.67
CA GLY A 538 10.49 1.97 -5.06
C GLY A 538 9.95 1.06 -3.96
N ILE A 539 8.82 0.43 -4.28
CA ILE A 539 8.10 -0.35 -3.31
C ILE A 539 8.88 -1.62 -2.89
N LEU A 540 9.64 -2.22 -3.82
CA LEU A 540 10.46 -3.36 -3.45
C LEU A 540 11.50 -2.96 -2.41
N ALA A 541 11.99 -1.72 -2.49
CA ALA A 541 12.94 -1.25 -1.48
C ALA A 541 12.25 -1.06 -0.13
N LYS A 542 11.06 -0.47 -0.13
CA LYS A 542 10.30 -0.27 1.11
C LYS A 542 9.95 -1.61 1.73
N TYR A 543 9.56 -2.57 0.91
CA TYR A 543 9.27 -3.92 1.41
C TYR A 543 10.51 -4.55 2.02
N ALA A 544 11.63 -4.56 1.29
CA ALA A 544 12.84 -5.19 1.79
C ALA A 544 13.30 -4.58 3.12
N LYS A 545 13.10 -3.26 3.28
CA LYS A 545 13.50 -2.57 4.50
C LYS A 545 12.68 -3.04 5.72
N LEU A 546 11.39 -3.29 5.55
CA LEU A 546 10.52 -3.58 6.68
C LEU A 546 10.29 -5.07 6.93
N VAL A 547 10.44 -5.91 5.91
CA VAL A 547 9.95 -7.28 5.98
C VAL A 547 10.78 -8.10 6.97
N SER A 548 10.10 -8.98 7.71
CA SER A 548 10.75 -9.87 8.65
C SER A 548 11.04 -11.23 8.01
N SER A 549 11.59 -12.15 8.79
CA SER A 549 11.91 -13.49 8.29
C SER A 549 10.64 -14.24 7.90
N SER A 550 10.80 -15.17 6.96
CA SER A 550 9.70 -16.03 6.56
C SER A 550 9.22 -16.92 7.71
N SER A 551 10.10 -17.22 8.66
CA SER A 551 9.65 -18.00 9.81
C SER A 551 8.75 -17.19 10.74
N LEU A 552 8.57 -15.91 10.46
CA LEU A 552 7.57 -15.07 11.09
C LEU A 552 6.43 -14.75 10.13
N GLY A 553 6.38 -15.39 8.98
CA GLY A 553 5.35 -15.12 8.01
C GLY A 553 5.63 -13.96 7.06
N ALA A 554 6.83 -13.38 7.10
CA ALA A 554 7.17 -12.24 6.25
C ALA A 554 6.23 -11.05 6.49
N VAL A 555 5.99 -10.76 7.78
CA VAL A 555 5.26 -9.54 8.13
C VAL A 555 6.17 -8.34 7.96
N THR A 556 5.53 -7.18 7.79
CA THR A 556 6.24 -5.93 7.54
C THR A 556 6.00 -4.90 8.63
N ASP A 557 5.36 -5.25 9.74
CA ASP A 557 5.09 -4.23 10.74
C ASP A 557 5.54 -4.60 12.14
N ILE A 558 6.52 -5.48 12.31
CA ILE A 558 6.96 -5.81 13.65
C ILE A 558 8.44 -5.49 13.81
N ASP A 559 8.80 -5.15 15.06
CA ASP A 559 10.16 -4.82 15.47
C ASP A 559 10.74 -3.72 14.59
N LEU A 560 9.95 -2.66 14.40
CA LEU A 560 10.39 -1.49 13.66
C LEU A 560 11.09 -0.44 14.54
N PHE A 561 10.82 -0.43 15.85
CA PHE A 561 11.49 0.49 16.76
C PHE A 561 12.12 -0.23 17.96
N LYS B 35 -0.11 -5.01 -29.56
CA LYS B 35 -1.15 -4.55 -28.62
C LYS B 35 -0.61 -4.32 -27.19
N PRO B 36 -0.25 -3.06 -26.90
CA PRO B 36 0.26 -2.72 -25.56
C PRO B 36 -0.76 -2.97 -24.47
N ILE B 37 -0.26 -3.33 -23.29
CA ILE B 37 -1.08 -3.49 -22.10
C ILE B 37 -1.03 -2.18 -21.33
N VAL B 38 -2.18 -1.52 -21.17
CA VAL B 38 -2.26 -0.21 -20.55
C VAL B 38 -3.17 -0.26 -19.33
N GLY B 39 -2.64 0.10 -18.17
CA GLY B 39 -3.46 0.19 -16.98
C GLY B 39 -4.29 1.48 -16.95
N ILE B 40 -5.46 1.36 -16.33
CA ILE B 40 -6.30 2.51 -15.98
C ILE B 40 -6.45 2.48 -14.47
N ALA B 41 -5.70 3.33 -13.78
CA ALA B 41 -5.78 3.48 -12.32
C ALA B 41 -6.97 4.37 -12.01
N ASN B 42 -8.07 3.76 -11.63
CA ASN B 42 -9.34 4.46 -11.39
C ASN B 42 -9.39 4.94 -9.95
N GLY B 43 -9.33 6.26 -9.76
CA GLY B 43 -9.37 6.82 -8.42
C GLY B 43 -10.78 6.93 -7.88
N TYR B 44 -11.34 5.82 -7.43
CA TYR B 44 -12.70 5.81 -6.89
C TYR B 44 -13.03 4.51 -6.15
N SER B 45 -12.36 4.26 -5.02
CA SER B 45 -12.74 3.15 -4.15
C SER B 45 -13.10 3.66 -2.75
N THR B 46 -14.07 4.56 -2.67
CA THR B 46 -14.62 5.03 -1.40
C THR B 46 -15.97 5.66 -1.67
N ILE B 47 -16.77 5.79 -0.60
CA ILE B 47 -18.15 6.28 -0.64
C ILE B 47 -18.82 5.99 -1.98
N THR B 48 -19.11 4.71 -2.23
CA THR B 48 -19.58 4.24 -3.54
C THR B 48 -20.62 5.11 -4.22
N PRO B 49 -21.76 5.52 -3.59
CA PRO B 49 -22.82 6.21 -4.35
C PRO B 49 -22.47 7.57 -4.95
N CYS B 50 -21.25 8.07 -4.75
CA CYS B 50 -20.89 9.42 -5.16
C CYS B 50 -19.96 9.49 -6.37
N ASN B 51 -19.58 8.36 -6.95
CA ASN B 51 -18.58 8.36 -8.02
C ASN B 51 -19.21 8.10 -9.39
N MET B 52 -20.29 8.83 -9.69
CA MET B 52 -20.97 8.66 -10.97
C MET B 52 -20.09 9.09 -12.15
N GLY B 53 -19.39 10.21 -12.03
CA GLY B 53 -18.68 10.74 -13.17
C GLY B 53 -17.36 10.07 -13.48
N ILE B 54 -16.59 9.74 -12.44
CA ILE B 54 -15.26 9.21 -12.65
C ILE B 54 -15.31 7.86 -13.38
N ASN B 55 -16.28 7.01 -13.07
CA ASN B 55 -16.29 5.73 -13.78
C ASN B 55 -16.80 5.87 -15.21
N ASP B 56 -17.64 6.87 -15.47
CA ASP B 56 -17.92 7.16 -16.88
C ASP B 56 -16.66 7.62 -17.60
N LEU B 57 -15.74 8.28 -16.88
CA LEU B 57 -14.47 8.65 -17.49
C LEU B 57 -13.59 7.43 -17.68
N ALA B 58 -13.66 6.49 -16.75
CA ALA B 58 -12.91 5.23 -16.87
C ALA B 58 -13.39 4.42 -18.08
N LEU B 59 -14.71 4.40 -18.31
CA LEU B 59 -15.23 3.70 -19.47
C LEU B 59 -14.77 4.35 -20.76
N ARG B 60 -14.72 5.68 -20.77
CA ARG B 60 -14.23 6.41 -21.94
C ARG B 60 -12.75 6.17 -22.17
N ALA B 61 -11.95 6.12 -21.10
CA ALA B 61 -10.54 5.81 -21.28
C ALA B 61 -10.37 4.38 -21.77
N GLU B 62 -11.21 3.46 -21.27
CA GLU B 62 -11.10 2.08 -21.69
C GLU B 62 -11.46 1.95 -23.16
N ALA B 63 -12.47 2.70 -23.61
CA ALA B 63 -12.84 2.70 -25.01
C ALA B 63 -11.74 3.33 -25.86
N GLY B 64 -11.27 4.54 -25.48
CA GLY B 64 -10.25 5.20 -26.29
C GLY B 64 -8.99 4.34 -26.44
N LEU B 65 -8.64 3.60 -25.39
CA LEU B 65 -7.48 2.71 -25.45
C LEU B 65 -7.75 1.52 -26.38
N ARG B 66 -8.96 0.95 -26.34
CA ARG B 66 -9.25 -0.19 -27.22
C ARG B 66 -9.28 0.24 -28.67
N THR B 67 -9.83 1.42 -28.97
CA THR B 67 -9.86 1.90 -30.35
C THR B 67 -8.47 2.35 -30.83
N ALA B 68 -7.57 2.73 -29.94
CA ALA B 68 -6.22 3.08 -30.34
C ALA B 68 -5.33 1.86 -30.52
N GLY B 69 -5.86 0.66 -30.31
CA GLY B 69 -5.13 -0.56 -30.52
C GLY B 69 -4.45 -1.11 -29.29
N ALA B 70 -4.90 -0.75 -28.10
CA ALA B 70 -4.28 -1.23 -26.88
C ALA B 70 -5.26 -2.11 -26.13
N MET B 71 -4.70 -2.87 -25.18
CA MET B 71 -5.47 -3.71 -24.28
C MET B 71 -5.54 -3.06 -22.90
N PRO B 72 -6.67 -2.47 -22.53
CA PRO B 72 -6.79 -1.83 -21.23
C PRO B 72 -6.96 -2.83 -20.09
N GLN B 73 -6.43 -2.45 -18.93
CA GLN B 73 -6.62 -3.19 -17.68
C GLN B 73 -7.08 -2.19 -16.63
N LEU B 74 -8.38 -2.16 -16.36
CA LEU B 74 -8.95 -1.24 -15.38
C LEU B 74 -8.69 -1.75 -13.97
N PHE B 75 -8.37 -0.84 -13.06
CA PHE B 75 -8.26 -1.20 -11.65
C PHE B 75 -8.45 0.04 -10.79
N GLY B 76 -8.81 -0.20 -9.53
CA GLY B 76 -9.15 0.88 -8.63
C GLY B 76 -8.17 0.97 -7.47
N THR B 77 -8.05 2.17 -6.92
CA THR B 77 -7.28 2.44 -5.72
C THR B 77 -8.19 3.15 -4.73
N ILE B 78 -7.81 3.06 -3.46
CA ILE B 78 -8.62 3.58 -2.35
C ILE B 78 -8.67 5.10 -2.32
N THR B 79 -9.57 5.64 -1.49
CA THR B 79 -9.62 7.04 -1.11
C THR B 79 -10.33 7.09 0.25
N ILE B 80 -10.09 8.16 0.99
CA ILE B 80 -10.68 8.28 2.34
C ILE B 80 -11.35 9.64 2.48
N SER B 81 -12.56 9.65 3.05
CA SER B 81 -13.26 10.90 3.32
C SER B 81 -12.60 11.63 4.48
N ASP B 82 -12.37 12.93 4.29
CA ASP B 82 -11.65 13.75 5.25
C ASP B 82 -12.56 14.52 6.21
N GLY B 83 -13.88 14.34 6.10
CA GLY B 83 -14.80 14.99 7.02
C GLY B 83 -15.33 14.05 8.08
N ILE B 84 -15.33 12.75 7.78
CA ILE B 84 -15.74 11.77 8.77
C ILE B 84 -14.76 11.75 9.93
N SER B 85 -13.46 11.74 9.62
CA SER B 85 -12.39 11.69 10.60
C SER B 85 -11.77 13.06 10.88
N MET B 86 -12.44 14.15 10.54
CA MET B 86 -11.85 15.48 10.70
C MET B 86 -11.75 15.87 12.18
N GLY B 87 -10.53 16.18 12.62
CA GLY B 87 -10.26 16.57 13.98
C GLY B 87 -9.68 15.46 14.86
N THR B 88 -9.80 14.21 14.42
CA THR B 88 -9.39 13.01 15.12
C THR B 88 -8.16 12.39 14.46
N GLU B 89 -7.83 11.17 14.87
CA GLU B 89 -6.64 10.48 14.41
C GLU B 89 -6.80 9.91 13.01
N GLY B 90 -8.04 9.84 12.50
CA GLY B 90 -8.25 9.49 11.11
C GLY B 90 -7.51 10.39 10.13
N MET B 91 -7.38 11.69 10.46
CA MET B 91 -6.71 12.62 9.56
C MET B 91 -5.24 12.26 9.37
N LYS B 92 -4.63 11.56 10.32
CA LYS B 92 -3.25 11.10 10.17
C LYS B 92 -3.11 10.11 9.01
N TYR B 93 -4.20 9.48 8.59
CA TYR B 93 -4.17 8.54 7.48
C TYR B 93 -4.27 9.20 6.11
N SER B 94 -4.38 10.54 6.04
CA SER B 94 -4.52 11.21 4.76
C SER B 94 -3.25 11.12 3.93
N LEU B 95 -2.12 11.60 4.49
CA LEU B 95 -0.86 11.45 3.77
C LEU B 95 -0.50 9.98 3.61
N VAL B 96 -0.87 9.16 4.60
CA VAL B 96 -0.67 7.73 4.48
C VAL B 96 -1.34 7.20 3.23
N SER B 97 -2.59 7.62 2.97
CA SER B 97 -3.29 7.06 1.82
C SER B 97 -2.63 7.45 0.50
N ARG B 98 -1.95 8.60 0.44
CA ARG B 98 -1.14 8.95 -0.72
C ARG B 98 -0.08 7.88 -0.99
N GLU B 99 0.59 7.41 0.05
CA GLU B 99 1.62 6.39 -0.12
C GLU B 99 1.01 5.06 -0.53
N VAL B 100 -0.17 4.73 0.02
CA VAL B 100 -0.79 3.46 -0.34
C VAL B 100 -1.21 3.48 -1.79
N ILE B 101 -1.70 4.62 -2.28
CA ILE B 101 -2.09 4.75 -3.67
C ILE B 101 -0.89 4.57 -4.58
N ALA B 102 0.20 5.26 -4.25
CA ALA B 102 1.43 5.11 -5.03
C ALA B 102 1.88 3.65 -5.02
N ASP B 103 1.90 3.02 -3.84
CA ASP B 103 2.27 1.62 -3.70
C ASP B 103 1.36 0.71 -4.53
N SER B 104 0.05 0.97 -4.51
CA SER B 104 -0.91 0.11 -5.19
C SER B 104 -0.68 0.13 -6.69
N ILE B 105 -0.61 1.33 -7.27
CA ILE B 105 -0.38 1.47 -8.70
C ILE B 105 0.96 0.87 -9.10
N GLU B 106 2.01 1.11 -8.32
CA GLU B 106 3.29 0.53 -8.68
C GLU B 106 3.24 -0.99 -8.64
N THR B 107 2.50 -1.55 -7.67
CA THR B 107 2.40 -3.00 -7.53
C THR B 107 1.64 -3.63 -8.68
N VAL B 108 0.47 -3.06 -9.02
CA VAL B 108 -0.33 -3.59 -10.13
C VAL B 108 0.46 -3.50 -11.43
N CYS B 109 0.94 -2.30 -11.78
CA CYS B 109 1.58 -2.10 -13.08
C CYS B 109 2.81 -2.99 -13.24
N ASN B 110 3.60 -3.13 -12.17
CA ASN B 110 4.73 -4.05 -12.20
C ASN B 110 4.27 -5.49 -12.24
N GLY B 111 3.31 -5.86 -11.37
CA GLY B 111 2.85 -7.23 -11.34
C GLY B 111 2.32 -7.70 -12.68
N GLN B 112 1.57 -6.85 -13.38
CA GLN B 112 1.00 -7.19 -14.67
C GLN B 112 1.92 -6.82 -15.83
N ARG B 113 3.13 -6.30 -15.55
CA ARG B 113 4.06 -5.81 -16.57
C ARG B 113 3.33 -5.03 -17.66
N MET B 114 2.77 -3.90 -17.29
CA MET B 114 2.06 -3.03 -18.21
C MET B 114 3.03 -2.14 -18.98
N ASP B 115 2.63 -1.77 -20.19
CA ASP B 115 3.46 -0.91 -21.01
C ASP B 115 3.23 0.56 -20.74
N GLY B 116 2.13 0.90 -20.08
CA GLY B 116 1.83 2.27 -19.72
C GLY B 116 0.67 2.26 -18.76
N VAL B 117 0.34 3.44 -18.25
CA VAL B 117 -0.79 3.57 -17.34
C VAL B 117 -1.38 4.96 -17.48
N LEU B 118 -2.71 5.01 -17.46
CA LEU B 118 -3.49 6.23 -17.43
C LEU B 118 -4.20 6.29 -16.09
N ALA B 119 -3.86 7.28 -15.26
CA ALA B 119 -4.49 7.47 -13.96
C ALA B 119 -5.63 8.47 -14.07
N ILE B 120 -6.76 8.14 -13.47
CA ILE B 120 -7.85 9.10 -13.33
C ILE B 120 -7.93 9.51 -11.88
N GLY B 121 -7.51 10.72 -11.58
CA GLY B 121 -7.50 11.25 -10.22
C GLY B 121 -8.65 12.21 -10.04
N GLY B 122 -9.49 11.90 -9.07
CA GLY B 122 -10.59 12.76 -8.75
C GLY B 122 -10.17 13.95 -7.93
N CYS B 123 -11.11 14.84 -7.71
CA CYS B 123 -10.84 15.99 -6.87
C CYS B 123 -10.75 15.51 -5.41
N ASP B 124 -9.61 14.90 -5.10
CA ASP B 124 -9.32 14.33 -3.79
C ASP B 124 -7.89 14.69 -3.39
N LYS B 125 -7.65 14.78 -2.08
CA LYS B 125 -6.37 15.23 -1.57
C LYS B 125 -5.23 14.23 -1.82
N ASN B 126 -5.52 12.99 -2.20
CA ASN B 126 -4.47 11.98 -2.30
C ASN B 126 -4.18 11.53 -3.72
N MET B 127 -4.79 12.18 -4.73
CA MET B 127 -4.48 11.93 -6.13
C MET B 127 -3.02 12.23 -6.50
N PRO B 128 -2.25 13.05 -5.77
CA PRO B 128 -0.79 13.07 -6.02
C PRO B 128 -0.12 11.71 -5.89
N GLY B 129 -0.78 10.73 -5.25
CA GLY B 129 -0.21 9.39 -5.19
C GLY B 129 -0.06 8.75 -6.54
N ALA B 130 -0.99 9.04 -7.47
CA ALA B 130 -0.87 8.51 -8.82
C ALA B 130 0.39 9.03 -9.51
N MET B 131 0.69 10.32 -9.36
CA MET B 131 1.89 10.84 -10.02
C MET B 131 3.16 10.29 -9.39
N ILE B 132 3.16 10.06 -8.07
CA ILE B 132 4.34 9.46 -7.46
C ILE B 132 4.57 8.07 -8.03
N ALA B 133 3.49 7.30 -8.21
CA ALA B 133 3.65 5.97 -8.80
C ALA B 133 4.20 6.07 -10.21
N MET B 134 3.69 7.01 -11.01
CA MET B 134 4.20 7.15 -12.38
C MET B 134 5.68 7.50 -12.37
N ALA B 135 6.08 8.34 -11.42
CA ALA B 135 7.50 8.68 -11.30
C ALA B 135 8.31 7.44 -10.94
N ARG B 136 7.79 6.60 -10.06
CA ARG B 136 8.49 5.37 -9.68
C ARG B 136 8.54 4.39 -10.85
N LEU B 137 7.42 4.21 -11.55
CA LEU B 137 7.39 3.24 -12.64
C LEU B 137 8.23 3.73 -13.80
N ASN B 138 8.16 5.03 -14.13
CA ASN B 138 8.80 5.59 -15.32
C ASN B 138 8.48 4.77 -16.58
N ILE B 139 7.23 4.34 -16.67
CA ILE B 139 6.67 3.82 -17.90
C ILE B 139 5.80 4.94 -18.48
N PRO B 140 5.53 4.96 -19.78
CA PRO B 140 4.71 6.03 -20.34
C PRO B 140 3.40 6.17 -19.59
N SER B 141 3.07 7.40 -19.20
CA SER B 141 1.92 7.64 -18.33
C SER B 141 1.25 8.95 -18.73
N ILE B 142 -0.03 9.05 -18.42
CA ILE B 142 -0.73 10.32 -18.56
C ILE B 142 -1.75 10.42 -17.44
N PHE B 143 -1.96 11.64 -16.94
CA PHE B 143 -2.87 11.88 -15.83
C PHE B 143 -4.14 12.55 -16.34
N VAL B 144 -5.30 12.00 -15.96
CA VAL B 144 -6.59 12.58 -16.31
C VAL B 144 -7.24 13.05 -15.02
N TYR B 145 -7.46 14.36 -14.91
CA TYR B 145 -8.19 14.92 -13.78
C TYR B 145 -9.68 14.66 -13.94
N GLY B 146 -10.32 14.21 -12.86
CA GLY B 146 -11.76 14.00 -12.89
C GLY B 146 -12.56 15.25 -13.20
N GLY B 147 -12.01 16.42 -12.90
CA GLY B 147 -12.68 17.66 -13.23
C GLY B 147 -13.22 18.37 -11.98
N THR B 148 -13.62 19.62 -12.20
CA THR B 148 -14.12 20.50 -11.16
C THR B 148 -15.64 20.39 -11.04
N ILE B 149 -16.17 21.00 -9.98
CA ILE B 149 -17.61 21.06 -9.76
C ILE B 149 -18.17 22.32 -10.40
N LYS B 150 -19.45 22.24 -10.77
CA LYS B 150 -20.20 23.33 -11.39
C LYS B 150 -19.58 23.81 -12.68
N GLY B 193 -17.21 21.07 -3.10
CA GLY B 193 -17.04 22.29 -2.31
C GLY B 193 -15.60 22.78 -2.38
N SER B 194 -14.66 21.88 -2.07
CA SER B 194 -13.24 22.16 -2.23
C SER B 194 -12.80 22.08 -3.68
N CYS B 195 -13.68 21.64 -4.58
CA CYS B 195 -13.34 21.47 -5.98
C CYS B 195 -13.80 22.64 -6.84
N GLY B 196 -13.97 23.81 -6.22
CA GLY B 196 -14.24 25.04 -6.94
C GLY B 196 -13.11 26.03 -6.80
N GLY B 197 -12.39 26.00 -5.67
CA GLY B 197 -11.24 26.83 -5.48
C GLY B 197 -9.92 26.08 -5.68
N MET B 198 -8.82 26.81 -5.49
CA MET B 198 -7.47 26.26 -5.69
C MET B 198 -6.98 25.63 -4.38
N PHE B 199 -7.65 24.55 -4.00
CA PHE B 199 -7.21 23.70 -2.91
C PHE B 199 -6.25 22.68 -3.49
N THR B 200 -5.97 21.59 -2.77
CA THR B 200 -4.89 20.71 -3.17
C THR B 200 -5.15 20.12 -4.55
N ALA B 201 -6.31 19.47 -4.72
CA ALA B 201 -6.59 18.74 -5.95
C ALA B 201 -6.55 19.65 -7.16
N ASN B 202 -7.22 20.81 -7.09
CA ASN B 202 -7.21 21.72 -8.23
C ASN B 202 -5.82 22.31 -8.45
N THR B 203 -5.05 22.54 -7.38
CA THR B 203 -3.69 23.03 -7.57
C THR B 203 -2.81 21.99 -8.24
N MET B 204 -2.87 20.74 -7.75
CA MET B 204 -2.03 19.68 -8.29
C MET B 204 -2.41 19.32 -9.73
N SER B 205 -3.71 19.31 -10.05
CA SER B 205 -4.11 19.00 -11.40
C SER B 205 -3.63 20.07 -12.37
N SER B 206 -3.74 21.35 -12.00
CA SER B 206 -3.14 22.42 -12.80
C SER B 206 -1.63 22.28 -12.89
N ALA B 207 -0.99 21.90 -11.78
CA ALA B 207 0.45 21.67 -11.84
C ALA B 207 0.78 20.52 -12.80
N PHE B 208 -0.03 19.46 -12.79
CA PHE B 208 0.23 18.33 -13.69
C PHE B 208 0.11 18.76 -15.15
N GLU B 209 -0.88 19.59 -15.46
CA GLU B 209 -0.98 20.14 -16.79
C GLU B 209 0.20 21.05 -17.09
N ALA B 210 0.63 21.83 -16.09
CA ALA B 210 1.76 22.74 -16.33
C ALA B 210 3.03 21.98 -16.67
N MET B 211 3.18 20.76 -16.16
CA MET B 211 4.37 19.95 -16.43
C MET B 211 4.23 19.07 -17.65
N GLY B 212 3.11 19.15 -18.38
CA GLY B 212 2.93 18.33 -19.56
C GLY B 212 2.56 16.88 -19.31
N MET B 213 2.07 16.56 -18.11
CA MET B 213 1.61 15.20 -17.80
C MET B 213 0.10 15.06 -18.00
N SER B 214 -0.59 16.15 -18.37
CA SER B 214 -2.00 16.17 -18.74
C SER B 214 -2.13 17.05 -19.97
N LEU B 215 -3.20 16.83 -20.73
CA LEU B 215 -3.44 17.61 -21.95
C LEU B 215 -3.82 19.06 -21.61
N PRO B 216 -3.53 20.01 -22.50
CA PRO B 216 -3.92 21.41 -22.26
C PRO B 216 -5.42 21.56 -22.02
N TYR B 217 -5.78 22.49 -21.11
CA TYR B 217 -7.14 22.81 -20.69
C TYR B 217 -7.77 21.77 -19.79
N SER B 218 -7.17 20.59 -19.68
CA SER B 218 -7.88 19.47 -19.07
C SER B 218 -8.02 19.61 -17.55
N SER B 219 -7.13 20.36 -16.89
CA SER B 219 -7.19 20.45 -15.44
C SER B 219 -8.28 21.39 -14.94
N THR B 220 -8.91 22.16 -15.82
CA THR B 220 -9.92 23.09 -15.36
C THR B 220 -11.30 22.80 -15.92
N MET B 221 -11.45 21.69 -16.64
CA MET B 221 -12.76 21.27 -17.12
C MET B 221 -13.63 20.81 -15.97
N ALA B 222 -14.92 21.02 -16.10
CA ALA B 222 -15.82 20.51 -15.07
C ALA B 222 -16.14 19.05 -15.33
N ALA B 223 -16.40 18.32 -14.24
CA ALA B 223 -16.57 16.88 -14.31
C ALA B 223 -17.80 16.50 -15.13
N VAL B 224 -18.89 17.28 -15.03
CA VAL B 224 -20.14 16.91 -15.68
C VAL B 224 -20.20 17.31 -17.15
N ASP B 225 -19.19 17.97 -17.69
CA ASP B 225 -19.26 18.41 -19.08
C ASP B 225 -18.75 17.34 -20.01
N GLY B 226 -19.18 17.44 -21.27
CA GLY B 226 -18.78 16.46 -22.26
C GLY B 226 -17.34 16.63 -22.69
N GLU B 227 -16.83 17.87 -22.63
CA GLU B 227 -15.44 18.08 -23.07
C GLU B 227 -14.43 17.33 -22.19
N LYS B 228 -14.79 17.05 -20.93
CA LYS B 228 -13.90 16.29 -20.06
C LYS B 228 -13.84 14.83 -20.48
N ALA B 229 -14.98 14.25 -20.87
CA ALA B 229 -14.98 12.88 -21.37
C ALA B 229 -14.20 12.77 -22.67
N ASP B 230 -14.33 13.76 -23.55
CA ASP B 230 -13.56 13.75 -24.80
C ASP B 230 -12.07 13.86 -24.53
N SER B 231 -11.69 14.70 -23.56
CA SER B 231 -10.29 14.81 -23.17
C SER B 231 -9.77 13.52 -22.57
N THR B 232 -10.61 12.78 -21.85
CA THR B 232 -10.21 11.48 -21.34
C THR B 232 -9.91 10.52 -22.48
N GLU B 233 -10.83 10.45 -23.46
CA GLU B 233 -10.60 9.67 -24.67
C GLU B 233 -9.34 10.12 -25.39
N GLU B 234 -9.16 11.43 -25.54
CA GLU B 234 -7.97 11.89 -26.26
C GLU B 234 -6.68 11.57 -25.50
N SER B 235 -6.71 11.62 -24.15
CA SER B 235 -5.54 11.25 -23.38
C SER B 235 -5.16 9.78 -23.60
N ALA B 236 -6.15 8.91 -23.66
CA ALA B 236 -5.89 7.50 -23.91
C ALA B 236 -5.19 7.32 -25.25
N LYS B 237 -5.67 8.01 -26.29
CA LYS B 237 -5.02 7.93 -27.59
C LYS B 237 -3.60 8.50 -27.53
N VAL B 238 -3.41 9.64 -26.84
CA VAL B 238 -2.08 10.25 -26.72
C VAL B 238 -1.11 9.29 -26.02
N LEU B 239 -1.57 8.60 -24.98
CA LEU B 239 -0.73 7.66 -24.24
C LEU B 239 -0.26 6.48 -25.10
N VAL B 240 -1.13 5.95 -25.95
CA VAL B 240 -0.71 4.87 -26.84
C VAL B 240 0.39 5.36 -27.79
N GLU B 241 0.26 6.59 -28.28
CA GLU B 241 1.34 7.16 -29.06
C GLU B 241 2.62 7.31 -28.24
N ALA B 242 2.48 7.71 -26.96
CA ALA B 242 3.65 7.87 -26.09
C ALA B 242 4.31 6.53 -25.81
N ILE B 243 3.54 5.44 -25.85
CA ILE B 243 4.13 4.11 -25.70
C ILE B 243 4.93 3.73 -26.94
N LYS B 244 4.45 4.12 -28.14
CA LYS B 244 5.20 3.77 -29.35
C LYS B 244 6.47 4.60 -29.48
N LYS B 245 6.43 5.84 -28.99
CA LYS B 245 7.59 6.70 -28.97
C LYS B 245 8.41 6.57 -27.70
N GLN B 246 7.91 5.84 -26.70
CA GLN B 246 8.58 5.71 -25.42
C GLN B 246 8.92 7.08 -24.85
N ILE B 247 7.89 7.92 -24.74
CA ILE B 247 7.99 9.18 -24.01
C ILE B 247 7.81 8.90 -22.52
N LEU B 248 8.83 9.05 -21.79
CA LEU B 248 8.80 8.57 -20.41
C LEU B 248 8.58 9.73 -19.43
N PRO B 249 7.99 9.43 -18.27
CA PRO B 249 7.89 10.44 -17.21
C PRO B 249 9.20 11.13 -16.89
N SER B 250 10.33 10.41 -16.92
CA SER B 250 11.63 11.02 -16.62
C SER B 250 12.03 12.08 -17.65
N GLN B 251 11.54 11.95 -18.88
CA GLN B 251 11.82 12.93 -19.93
C GLN B 251 10.89 14.13 -19.85
N ILE B 252 9.75 13.98 -19.18
CA ILE B 252 8.81 15.07 -18.99
C ILE B 252 9.04 15.78 -17.68
N LEU B 253 9.08 15.02 -16.58
CA LEU B 253 9.25 15.56 -15.23
C LEU B 253 10.71 15.90 -14.94
N THR B 254 11.20 16.85 -15.71
CA THR B 254 12.55 17.36 -15.59
C THR B 254 12.56 18.56 -14.63
N ARG B 255 13.78 19.02 -14.33
CA ARG B 255 13.93 20.22 -13.51
C ARG B 255 13.16 21.39 -14.12
N LYS B 256 13.20 21.53 -15.45
CA LYS B 256 12.47 22.62 -16.09
C LYS B 256 10.96 22.47 -15.91
N ALA B 257 10.44 21.25 -16.02
CA ALA B 257 9.01 21.07 -15.81
C ALA B 257 8.60 21.42 -14.37
N PHE B 258 9.42 21.08 -13.37
CA PHE B 258 9.07 21.42 -12.00
C PHE B 258 9.13 22.93 -11.77
N GLU B 259 10.15 23.60 -12.33
CA GLU B 259 10.18 25.06 -12.25
C GLU B 259 8.95 25.67 -12.88
N ASN B 260 8.49 25.11 -14.00
CA ASN B 260 7.28 25.60 -14.64
C ASN B 260 6.06 25.42 -13.74
N ALA B 261 5.96 24.28 -13.04
CA ALA B 261 4.82 24.04 -12.16
C ALA B 261 4.82 24.98 -10.96
N ILE B 262 6.01 25.27 -10.40
CA ILE B 262 6.08 26.20 -9.28
C ILE B 262 5.59 27.57 -9.71
N ALA B 263 6.04 28.03 -10.88
CA ALA B 263 5.60 29.33 -11.40
C ALA B 263 4.08 29.36 -11.55
N VAL B 264 3.50 28.30 -12.14
CA VAL B 264 2.06 28.24 -12.34
C VAL B 264 1.34 28.18 -10.99
N ILE B 265 1.92 27.46 -10.03
CA ILE B 265 1.33 27.38 -8.69
C ILE B 265 1.38 28.75 -8.04
N MET B 266 2.47 29.48 -8.22
CA MET B 266 2.51 30.85 -7.73
C MET B 266 1.49 31.73 -8.46
N ALA B 267 1.40 31.57 -9.79
CA ALA B 267 0.54 32.45 -10.57
C ALA B 267 -0.94 32.22 -10.29
N VAL B 268 -1.33 31.02 -9.86
CA VAL B 268 -2.76 30.75 -9.62
C VAL B 268 -3.14 30.90 -8.16
N GLY B 269 -2.21 31.28 -7.30
CA GLY B 269 -2.52 31.29 -5.87
C GLY B 269 -2.79 29.91 -5.30
N GLY B 270 -2.00 28.91 -5.69
CA GLY B 270 -2.26 27.55 -5.29
C GLY B 270 -1.99 27.25 -3.82
N SER B 271 -2.42 26.06 -3.44
CA SER B 271 -2.43 25.62 -2.05
C SER B 271 -1.01 25.29 -1.57
N THR B 272 -0.78 25.47 -0.25
CA THR B 272 0.50 25.09 0.33
C THR B 272 0.75 23.58 0.28
N ASN B 273 -0.29 22.76 0.15
CA ASN B 273 -0.05 21.31 0.05
C ASN B 273 0.68 20.95 -1.23
N ALA B 274 0.55 21.78 -2.28
CA ALA B 274 1.25 21.52 -3.53
C ALA B 274 2.75 21.60 -3.38
N VAL B 275 3.24 22.42 -2.45
CA VAL B 275 4.66 22.47 -2.18
C VAL B 275 5.13 21.08 -1.76
N LEU B 276 4.38 20.45 -0.85
CA LEU B 276 4.71 19.12 -0.34
C LEU B 276 4.63 18.05 -1.45
N HIS B 277 3.54 18.04 -2.22
CA HIS B 277 3.35 16.97 -3.20
C HIS B 277 4.33 17.10 -4.36
N LEU B 278 4.66 18.33 -4.76
CA LEU B 278 5.60 18.54 -5.85
C LEU B 278 7.02 18.19 -5.42
N LEU B 279 7.38 18.51 -4.17
CA LEU B 279 8.66 18.04 -3.67
C LEU B 279 8.75 16.53 -3.74
N ALA B 280 7.66 15.83 -3.37
CA ALA B 280 7.67 14.38 -3.34
C ALA B 280 7.81 13.80 -4.73
N ILE B 281 7.12 14.40 -5.72
CA ILE B 281 7.22 13.86 -7.07
C ILE B 281 8.63 14.07 -7.63
N ALA B 282 9.19 15.25 -7.41
CA ALA B 282 10.53 15.54 -7.91
C ALA B 282 11.55 14.63 -7.25
N ASN B 283 11.49 14.51 -5.92
CA ASN B 283 12.44 13.66 -5.22
C ASN B 283 12.20 12.17 -5.45
N THR B 284 11.03 11.79 -5.96
CA THR B 284 10.79 10.41 -6.38
C THR B 284 11.44 10.12 -7.72
N ILE B 285 11.26 11.01 -8.70
CA ILE B 285 11.79 10.79 -10.05
C ILE B 285 13.28 11.08 -10.11
N GLY B 286 13.84 11.68 -9.07
CA GLY B 286 15.26 11.97 -9.02
C GLY B 286 15.69 13.35 -9.46
N VAL B 287 14.81 14.34 -9.43
CA VAL B 287 15.19 15.71 -9.75
C VAL B 287 15.46 16.43 -8.44
N PRO B 288 16.61 17.07 -8.27
CA PRO B 288 16.86 17.80 -7.03
C PRO B 288 15.94 19.01 -7.00
N LEU B 289 15.12 19.09 -5.96
CA LEU B 289 14.18 20.19 -5.80
C LEU B 289 14.06 20.42 -4.31
N SER B 290 14.13 21.67 -3.92
CA SER B 290 14.12 22.05 -2.52
C SER B 290 13.20 23.24 -2.32
N LEU B 291 12.92 23.54 -1.06
CA LEU B 291 12.13 24.70 -0.72
C LEU B 291 12.77 25.98 -1.23
N ASP B 292 14.10 26.01 -1.28
CA ASP B 292 14.83 27.16 -1.83
C ASP B 292 14.34 27.51 -3.23
N ASP B 293 14.08 26.51 -4.08
CA ASP B 293 13.62 26.76 -5.44
C ASP B 293 12.25 27.40 -5.46
N PHE B 294 11.36 26.99 -4.54
CA PHE B 294 10.06 27.63 -4.40
C PHE B 294 10.22 29.10 -4.03
N GLU B 295 11.13 29.38 -3.08
CA GLU B 295 11.30 30.76 -2.63
C GLU B 295 11.91 31.62 -3.73
N THR B 296 12.88 31.08 -4.46
CA THR B 296 13.49 31.81 -5.56
C THR B 296 12.46 32.16 -6.62
N ILE B 297 11.69 31.17 -7.07
CA ILE B 297 10.71 31.45 -8.11
C ILE B 297 9.62 32.38 -7.61
N ARG B 298 9.33 32.37 -6.31
CA ARG B 298 8.26 33.20 -5.78
C ARG B 298 8.53 34.68 -6.04
N HIS B 299 9.80 35.10 -5.98
CA HIS B 299 10.13 36.50 -6.19
C HIS B 299 10.02 36.93 -7.65
N LYS B 300 10.07 35.97 -8.59
CA LYS B 300 10.02 36.27 -10.01
C LYS B 300 8.61 36.17 -10.60
N VAL B 301 7.64 35.65 -9.88
CA VAL B 301 6.34 35.33 -10.46
C VAL B 301 5.24 36.03 -9.65
N PRO B 302 4.43 36.89 -10.28
CA PRO B 302 3.30 37.50 -9.58
C PRO B 302 2.12 36.56 -9.48
N VAL B 303 1.23 36.83 -8.52
CA VAL B 303 -0.07 36.18 -8.50
C VAL B 303 -0.94 36.83 -9.57
N LEU B 304 -1.24 36.07 -10.62
CA LEU B 304 -2.02 36.56 -11.76
C LEU B 304 -3.51 36.26 -11.65
N CYS B 305 -3.90 35.22 -10.93
CA CYS B 305 -5.29 34.82 -10.89
C CYS B 305 -5.88 35.17 -9.53
N ASP B 306 -7.13 35.59 -9.57
CA ASP B 306 -7.88 36.01 -8.40
C ASP B 306 -8.83 34.88 -8.05
N LEU B 307 -8.35 33.90 -7.27
CA LEU B 307 -9.06 32.65 -7.11
C LEU B 307 -9.27 32.29 -5.64
N LYS B 308 -10.45 31.77 -5.35
CA LYS B 308 -10.78 31.14 -4.08
C LYS B 308 -9.73 30.09 -3.73
N PRO B 309 -9.45 29.87 -2.43
CA PRO B 309 -10.11 30.46 -1.26
C PRO B 309 -9.71 31.88 -0.96
N SER B 310 -8.45 32.21 -1.20
CA SER B 310 -7.94 33.53 -0.90
C SER B 310 -8.58 34.60 -1.77
N GLY B 311 -8.85 34.29 -3.04
CA GLY B 311 -9.44 35.24 -3.96
C GLY B 311 -10.92 34.99 -4.14
N LYS B 312 -11.48 35.52 -5.23
CA LYS B 312 -12.93 35.61 -5.35
C LYS B 312 -13.56 34.72 -6.43
N TYR B 313 -12.80 34.22 -7.40
CA TYR B 313 -13.40 33.41 -8.45
C TYR B 313 -13.10 31.92 -8.24
N VAL B 314 -13.78 31.09 -9.03
CA VAL B 314 -13.61 29.65 -8.97
C VAL B 314 -13.06 29.14 -10.31
N THR B 315 -12.72 27.86 -10.34
CA THR B 315 -11.99 27.31 -11.48
C THR B 315 -12.80 27.35 -12.77
N THR B 316 -14.13 27.26 -12.69
CA THR B 316 -14.90 27.37 -13.93
C THR B 316 -14.73 28.74 -14.56
N ASN B 317 -14.64 29.78 -13.74
CA ASN B 317 -14.36 31.10 -14.28
C ASN B 317 -12.96 31.15 -14.86
N LEU B 318 -12.00 30.52 -14.19
CA LEU B 318 -10.65 30.46 -14.75
C LEU B 318 -10.66 29.77 -16.10
N HIS B 319 -11.44 28.69 -16.20
CA HIS B 319 -11.56 27.95 -17.47
C HIS B 319 -12.12 28.84 -18.57
N ALA B 320 -13.18 29.60 -18.26
CA ALA B 320 -13.79 30.47 -19.26
C ALA B 320 -12.84 31.57 -19.70
N ALA B 321 -11.91 31.99 -18.83
CA ALA B 321 -10.96 33.02 -19.26
C ALA B 321 -9.78 32.45 -20.04
N GLY B 322 -9.73 31.16 -20.36
CA GLY B 322 -8.60 30.60 -21.09
C GLY B 322 -7.81 29.53 -20.34
N GLY B 323 -8.09 29.30 -19.07
CA GLY B 323 -7.55 28.24 -18.25
C GLY B 323 -6.05 28.34 -18.02
N ILE B 324 -5.50 27.19 -17.64
CA ILE B 324 -4.06 27.10 -17.41
C ILE B 324 -3.23 27.43 -18.63
N PRO B 325 -3.62 27.04 -19.87
CA PRO B 325 -2.79 27.46 -21.02
C PRO B 325 -2.65 28.98 -21.12
N GLN B 326 -3.70 29.75 -20.81
CA GLN B 326 -3.57 31.20 -20.87
C GLN B 326 -2.61 31.71 -19.81
N VAL B 327 -2.71 31.16 -18.59
CA VAL B 327 -1.79 31.53 -17.51
C VAL B 327 -0.36 31.21 -17.91
N MET B 328 -0.16 30.01 -18.45
CA MET B 328 1.19 29.58 -18.84
C MET B 328 1.75 30.46 -19.93
N LYS B 329 0.93 30.80 -20.93
CA LYS B 329 1.41 31.64 -22.02
C LYS B 329 1.89 33.00 -21.51
N ILE B 330 1.15 33.58 -20.55
CA ILE B 330 1.60 34.84 -19.96
C ILE B 330 2.96 34.65 -19.31
N LEU B 331 3.15 33.55 -18.60
CA LEU B 331 4.43 33.27 -17.97
C LEU B 331 5.52 33.06 -19.01
N LEU B 332 5.15 32.51 -20.16
CA LEU B 332 6.12 32.24 -21.22
C LEU B 332 6.60 33.53 -21.86
N VAL B 333 5.68 34.36 -22.36
CA VAL B 333 6.13 35.57 -23.03
C VAL B 333 6.79 36.56 -22.07
N ASN B 334 6.59 36.42 -20.76
CA ASN B 334 7.21 37.35 -19.82
C ASN B 334 8.43 36.76 -19.13
N GLY B 335 8.99 35.70 -19.70
CA GLY B 335 10.33 35.25 -19.35
C GLY B 335 10.44 34.23 -18.25
N ILE B 336 9.34 33.73 -17.69
CA ILE B 336 9.44 32.78 -16.59
C ILE B 336 9.44 31.34 -17.09
N LEU B 337 8.53 30.99 -17.99
CA LEU B 337 8.35 29.60 -18.38
C LEU B 337 9.46 29.10 -19.28
N HIS B 338 9.89 27.86 -19.06
CA HIS B 338 10.76 27.16 -19.99
C HIS B 338 9.93 26.60 -21.15
N GLY B 339 10.06 27.19 -22.33
CA GLY B 339 9.29 26.74 -23.47
C GLY B 339 9.75 25.43 -24.07
N ASP B 340 10.99 25.01 -23.79
CA ASP B 340 11.59 23.83 -24.39
C ASP B 340 11.34 22.55 -23.60
N ALA B 341 10.68 22.64 -22.44
CA ALA B 341 10.25 21.46 -21.70
C ALA B 341 9.24 20.65 -22.52
N LEU B 342 9.28 19.33 -22.35
CA LEU B 342 8.53 18.38 -23.16
C LEU B 342 7.19 18.03 -22.52
N THR B 343 6.20 17.71 -23.36
CA THR B 343 4.93 17.23 -22.85
C THR B 343 4.62 15.85 -23.42
N ILE B 344 3.53 15.27 -22.89
CA ILE B 344 3.18 13.88 -23.17
C ILE B 344 2.80 13.67 -24.63
N THR B 345 2.50 14.75 -25.38
CA THR B 345 2.23 14.56 -26.80
C THR B 345 3.50 14.53 -27.64
N GLY B 346 4.65 14.87 -27.07
CA GLY B 346 5.87 15.00 -27.83
C GLY B 346 6.16 16.43 -28.24
N GLN B 347 5.16 17.31 -28.22
CA GLN B 347 5.42 18.72 -28.44
C GLN B 347 5.92 19.37 -27.16
N THR B 348 6.70 20.43 -27.32
CA THR B 348 7.15 21.19 -26.17
C THR B 348 6.10 22.18 -25.69
N ILE B 349 6.36 22.76 -24.52
CA ILE B 349 5.45 23.74 -23.92
C ILE B 349 5.18 24.87 -24.92
N ALA B 350 6.25 25.43 -25.50
CA ALA B 350 6.08 26.57 -26.42
C ALA B 350 5.25 26.19 -27.63
N GLU B 351 5.44 24.97 -28.15
CA GLU B 351 4.64 24.49 -29.27
C GLU B 351 3.19 24.29 -28.89
N VAL B 352 2.92 23.71 -27.71
CA VAL B 352 1.51 23.53 -27.35
C VAL B 352 0.84 24.88 -27.11
N LEU B 353 1.57 25.89 -26.64
CA LEU B 353 0.95 27.18 -26.36
C LEU B 353 1.02 28.16 -27.53
N ALA B 354 1.42 27.70 -28.72
CA ALA B 354 1.76 28.64 -29.79
C ALA B 354 0.57 29.50 -30.21
N ASP B 355 -0.64 28.97 -30.13
CA ASP B 355 -1.81 29.73 -30.54
C ASP B 355 -2.50 30.48 -29.39
N ILE B 356 -1.96 30.42 -28.18
CA ILE B 356 -2.58 31.13 -27.07
C ILE B 356 -2.18 32.60 -27.15
N PRO B 357 -3.14 33.53 -27.01
CA PRO B 357 -2.79 34.95 -27.00
C PRO B 357 -1.80 35.30 -25.90
N ASP B 358 -1.02 36.35 -26.16
CA ASP B 358 -0.01 36.79 -25.20
C ASP B 358 -0.62 37.41 -23.93
N GLN B 359 -1.84 37.94 -24.03
CA GLN B 359 -2.48 38.58 -22.90
C GLN B 359 -3.83 37.94 -22.64
N PRO B 360 -4.31 37.98 -21.40
CA PRO B 360 -5.61 37.39 -21.09
C PRO B 360 -6.70 38.18 -21.76
N PRO B 361 -7.88 37.59 -21.98
CA PRO B 361 -8.97 38.30 -22.66
C PRO B 361 -9.49 39.49 -21.87
N ALA B 362 -10.05 40.45 -22.60
CA ALA B 362 -10.75 41.55 -21.96
C ALA B 362 -12.13 41.10 -21.48
N GLY B 363 -12.71 41.89 -20.59
CA GLY B 363 -14.02 41.54 -20.09
C GLY B 363 -14.02 40.46 -19.02
N GLN B 364 -12.85 40.15 -18.45
CA GLN B 364 -12.77 39.22 -17.34
C GLN B 364 -11.69 39.70 -16.39
N ASP B 365 -11.88 39.39 -15.09
CA ASP B 365 -10.88 39.72 -14.07
C ASP B 365 -10.42 38.47 -13.31
N VAL B 366 -10.61 37.28 -13.88
CA VAL B 366 -10.07 36.06 -13.29
C VAL B 366 -8.55 36.00 -13.47
N ILE B 367 -8.09 36.23 -14.70
CA ILE B 367 -6.67 36.25 -15.02
C ILE B 367 -6.30 37.69 -15.33
N HIS B 368 -5.52 38.30 -14.44
CA HIS B 368 -5.00 39.64 -14.64
C HIS B 368 -3.84 39.62 -15.65
N SER B 369 -3.51 40.78 -16.17
CA SER B 369 -2.35 40.90 -17.03
C SER B 369 -1.09 40.93 -16.17
N TRP B 370 0.03 40.64 -16.82
CA TRP B 370 1.32 40.61 -16.12
C TRP B 370 1.63 41.96 -15.46
N ASP B 371 1.18 43.07 -16.06
CA ASP B 371 1.47 44.41 -15.56
C ASP B 371 0.43 44.93 -14.58
N ASP B 372 -0.69 44.24 -14.38
CA ASP B 372 -1.64 44.59 -13.32
C ASP B 372 -1.99 43.34 -12.52
N PRO B 373 -1.00 42.72 -11.87
CA PRO B 373 -1.25 41.44 -11.20
C PRO B 373 -2.07 41.60 -9.92
N VAL B 374 -2.59 40.47 -9.43
CA VAL B 374 -3.27 40.48 -8.13
C VAL B 374 -2.28 40.84 -7.04
N TYR B 375 -1.11 40.17 -7.06
CA TYR B 375 0.03 40.51 -6.21
C TYR B 375 1.28 40.48 -7.07
N GLN B 376 2.30 41.25 -6.64
CA GLN B 376 3.48 41.42 -7.47
C GLN B 376 4.43 40.23 -7.41
N GLU B 377 4.40 39.48 -6.32
CA GLU B 377 5.15 38.24 -6.21
C GLU B 377 4.22 37.19 -5.62
N GLY B 378 4.70 35.94 -5.61
CA GLY B 378 3.92 34.82 -5.12
C GLY B 378 3.75 34.82 -3.60
N HIS B 379 2.79 33.99 -3.17
CA HIS B 379 2.24 33.96 -1.83
C HIS B 379 2.80 32.83 -0.96
N LEU B 380 3.48 31.85 -1.55
CA LEU B 380 3.94 30.65 -0.82
C LEU B 380 5.39 30.87 -0.40
N ALA B 381 5.57 31.43 0.81
CA ALA B 381 6.89 31.83 1.29
C ALA B 381 7.62 30.72 2.04
N VAL B 382 8.94 30.69 1.89
CA VAL B 382 9.78 29.73 2.60
C VAL B 382 10.52 30.47 3.72
N LEU B 383 10.21 30.14 4.96
CA LEU B 383 10.93 30.74 6.09
C LEU B 383 11.95 29.76 6.62
N LYS B 384 13.15 30.26 6.89
CA LYS B 384 14.25 29.44 7.39
C LYS B 384 14.88 30.14 8.58
N GLY B 385 15.69 29.39 9.32
CA GLY B 385 16.34 29.89 10.51
C GLY B 385 16.68 28.73 11.42
N ASN B 386 17.20 29.08 12.61
CA ASN B 386 17.58 28.01 13.52
C ASN B 386 16.37 27.19 13.96
N LEU B 387 15.19 27.78 13.88
CA LEU B 387 13.96 27.09 14.21
C LEU B 387 13.47 26.20 13.07
N ALA B 388 14.03 26.37 11.86
CA ALA B 388 13.68 25.54 10.71
C ALA B 388 14.85 25.52 9.74
N THR B 389 15.91 24.74 10.04
CA THR B 389 17.12 24.81 9.22
C THR B 389 16.89 24.27 7.81
N GLU B 390 15.91 23.38 7.63
CA GLU B 390 15.55 22.93 6.29
C GLU B 390 14.47 23.78 5.65
N GLY B 391 13.72 24.58 6.42
CA GLY B 391 12.70 25.44 5.87
C GLY B 391 11.31 25.12 6.38
N SER B 392 10.35 25.92 5.92
CA SER B 392 8.96 25.87 6.37
C SER B 392 8.13 26.66 5.36
N VAL B 393 6.82 26.44 5.37
CA VAL B 393 5.93 27.01 4.36
C VAL B 393 4.89 27.89 5.02
N ALA B 394 4.75 29.12 4.52
CA ALA B 394 3.77 30.06 5.06
C ALA B 394 3.11 30.79 3.90
N LYS B 395 1.78 30.70 3.84
CA LYS B 395 0.99 31.48 2.91
C LYS B 395 0.82 32.88 3.48
N ILE B 396 1.34 33.89 2.80
CA ILE B 396 1.32 35.24 3.33
C ILE B 396 0.17 36.05 2.72
N SER B 397 -0.86 35.37 2.24
CA SER B 397 -1.99 36.01 1.57
C SER B 397 -2.88 36.69 2.59
N GLY B 398 -3.15 37.98 2.37
CA GLY B 398 -3.97 38.74 3.29
C GLY B 398 -3.39 38.89 4.67
N VAL B 399 -2.07 38.82 4.81
CA VAL B 399 -1.43 39.03 6.10
C VAL B 399 -0.96 40.47 6.08
N LYS B 400 -1.59 41.29 6.90
CA LYS B 400 -1.29 42.72 6.79
C LYS B 400 0.09 43.07 7.34
N LYS B 401 0.40 42.58 8.55
CA LYS B 401 1.75 42.78 9.09
C LYS B 401 2.46 41.43 9.18
N PRO B 402 3.43 41.15 8.30
CA PRO B 402 3.98 39.79 8.24
C PRO B 402 5.22 39.58 9.11
N VAL B 403 5.23 40.19 10.30
CA VAL B 403 6.30 40.00 11.27
C VAL B 403 5.71 39.94 12.67
N ILE B 404 6.22 39.02 13.49
CA ILE B 404 5.88 38.98 14.91
C ILE B 404 7.05 38.38 15.68
N THR B 405 7.32 38.97 16.83
CA THR B 405 8.20 38.41 17.83
C THR B 405 7.39 38.30 19.11
N GLY B 406 7.28 37.08 19.64
CA GLY B 406 6.47 36.86 20.81
C GLY B 406 6.88 35.65 21.61
N PRO B 407 6.32 35.53 22.81
CA PRO B 407 6.63 34.37 23.65
C PRO B 407 5.94 33.11 23.17
N ALA B 408 6.64 31.98 23.33
CA ALA B 408 6.16 30.71 22.82
C ALA B 408 5.13 30.08 23.74
N LYS B 409 4.06 29.55 23.15
CA LYS B 409 3.14 28.63 23.81
C LYS B 409 3.20 27.33 23.03
N VAL B 410 3.68 26.27 23.66
CA VAL B 410 4.05 25.03 22.99
C VAL B 410 3.07 23.94 23.35
N PHE B 411 2.72 23.11 22.36
CA PHE B 411 1.79 22.00 22.54
C PHE B 411 2.27 20.79 21.75
N GLU B 412 2.06 19.60 22.32
CA GLU B 412 2.57 18.36 21.72
C GLU B 412 1.54 17.64 20.87
N SER B 413 0.39 18.26 20.61
CA SER B 413 -0.62 17.67 19.74
C SER B 413 -1.60 18.75 19.36
N GLU B 414 -2.37 18.50 18.30
CA GLU B 414 -3.45 19.42 17.97
C GLU B 414 -4.41 19.57 19.14
N GLU B 415 -4.76 18.45 19.78
CA GLU B 415 -5.74 18.42 20.86
C GLU B 415 -5.30 19.28 22.03
N ASP B 416 -4.07 19.10 22.50
CA ASP B 416 -3.58 19.91 23.60
C ASP B 416 -3.63 21.38 23.26
N CYS B 417 -3.36 21.70 21.99
CA CYS B 417 -3.39 23.08 21.56
C CYS B 417 -4.82 23.63 21.55
N LEU B 418 -5.74 22.89 20.93
CA LEU B 418 -7.14 23.32 20.89
C LEU B 418 -7.69 23.46 22.30
N GLU B 419 -7.30 22.55 23.18
CA GLU B 419 -7.67 22.63 24.59
C GLU B 419 -7.25 23.98 25.17
N ALA B 420 -6.00 24.37 24.94
CA ALA B 420 -5.49 25.58 25.56
C ALA B 420 -6.19 26.82 25.02
N ILE B 421 -6.50 26.82 23.73
CA ILE B 421 -7.11 28.01 23.13
C ILE B 421 -8.48 28.25 23.73
N LEU B 422 -9.31 27.20 23.80
CA LEU B 422 -10.65 27.35 24.34
C LEU B 422 -10.62 27.73 25.82
N ALA B 423 -9.64 27.25 26.57
CA ALA B 423 -9.45 27.60 27.98
C ALA B 423 -8.89 29.03 28.19
N GLY B 424 -8.77 29.88 27.16
CA GLY B 424 -8.25 31.23 27.32
C GLY B 424 -6.78 31.32 27.67
N LYS B 425 -5.99 30.29 27.37
CA LYS B 425 -4.57 30.30 27.76
C LYS B 425 -3.67 31.01 26.75
N ILE B 426 -4.19 31.45 25.60
CA ILE B 426 -3.37 32.13 24.60
C ILE B 426 -3.71 33.61 24.65
N GLN B 427 -2.67 34.45 24.70
CA GLN B 427 -2.83 35.89 24.74
C GLN B 427 -2.29 36.51 23.45
N ALA B 428 -2.75 37.73 23.16
CA ALA B 428 -2.22 38.52 22.05
C ALA B 428 -0.70 38.62 22.13
N GLY B 429 -0.05 38.52 20.97
CA GLY B 429 1.39 38.56 20.92
C GLY B 429 2.07 37.22 21.07
N ASP B 430 1.31 36.16 21.38
CA ASP B 430 1.90 34.83 21.56
C ASP B 430 2.29 34.20 20.23
N VAL B 431 3.28 33.31 20.28
CA VAL B 431 3.65 32.42 19.18
C VAL B 431 3.23 31.01 19.61
N VAL B 432 2.21 30.50 18.96
CA VAL B 432 1.67 29.18 19.25
C VAL B 432 2.46 28.14 18.46
N VAL B 433 3.00 27.15 19.16
CA VAL B 433 3.82 26.10 18.56
C VAL B 433 3.09 24.78 18.77
N VAL B 434 2.74 24.12 17.66
CA VAL B 434 2.15 22.78 17.69
C VAL B 434 3.17 21.82 17.11
N ARG B 435 3.74 20.95 17.94
CA ARG B 435 4.83 20.10 17.52
C ARG B 435 4.46 18.62 17.70
N TYR B 436 5.37 17.74 17.27
CA TYR B 436 5.12 16.31 17.20
C TYR B 436 3.90 15.98 16.34
N GLU B 437 3.62 16.83 15.32
CA GLU B 437 2.60 16.55 14.32
C GLU B 437 3.20 16.38 12.91
N GLY B 438 4.52 16.16 12.82
CA GLY B 438 5.20 16.03 11.56
C GLY B 438 5.02 14.66 10.92
N PRO B 439 5.81 14.40 9.86
CA PRO B 439 5.68 13.10 9.16
C PRO B 439 5.89 11.89 10.05
N LYS B 440 6.95 11.87 10.86
CA LYS B 440 7.11 10.78 11.81
C LYS B 440 6.35 11.03 13.11
N GLY B 441 6.24 12.29 13.54
CA GLY B 441 5.72 12.58 14.87
C GLY B 441 4.22 12.35 15.03
N GLY B 442 3.42 12.72 14.02
CA GLY B 442 1.98 12.51 14.03
C GLY B 442 1.58 11.07 14.37
N PRO B 443 2.01 10.08 13.56
CA PRO B 443 2.71 10.23 12.29
C PRO B 443 1.74 10.71 11.23
N GLY B 444 2.23 11.09 10.05
CA GLY B 444 1.35 11.37 8.92
C GLY B 444 1.18 12.82 8.58
N MET B 445 1.74 13.73 9.39
CA MET B 445 1.75 15.16 9.10
C MET B 445 0.36 15.69 8.75
N ARG B 446 -0.61 15.35 9.59
CA ARG B 446 -2.00 15.65 9.30
C ARG B 446 -2.23 17.15 9.18
N GLU B 447 -3.21 17.50 8.35
CA GLU B 447 -3.73 18.86 8.31
C GLU B 447 -4.58 19.10 9.56
N MET B 448 -4.41 20.28 10.14
CA MET B 448 -5.16 20.67 11.33
C MET B 448 -5.92 21.95 10.99
N LEU B 449 -7.24 21.85 10.93
CA LEU B 449 -8.04 23.05 10.74
C LEU B 449 -8.46 23.67 12.06
N ALA B 450 -8.69 22.85 13.09
CA ALA B 450 -9.17 23.33 14.38
C ALA B 450 -8.36 24.50 14.95
N PRO B 451 -7.01 24.46 14.98
CA PRO B 451 -6.28 25.56 15.64
C PRO B 451 -6.47 26.91 14.98
N THR B 452 -6.45 26.98 13.64
CA THR B 452 -6.61 28.28 13.01
C THR B 452 -8.02 28.81 13.22
N SER B 453 -9.02 27.93 13.10
CA SER B 453 -10.40 28.36 13.32
C SER B 453 -10.63 28.79 14.77
N ALA B 454 -10.05 28.06 15.73
CA ALA B 454 -10.18 28.45 17.12
C ALA B 454 -9.45 29.75 17.43
N ILE B 455 -8.33 30.03 16.76
CA ILE B 455 -7.64 31.30 16.96
C ILE B 455 -8.48 32.45 16.43
N ILE B 456 -9.11 32.27 15.26
CA ILE B 456 -10.01 33.29 14.72
C ILE B 456 -11.19 33.50 15.65
N GLY B 457 -11.76 32.41 16.17
CA GLY B 457 -12.89 32.52 17.07
C GLY B 457 -12.56 33.21 18.38
N ALA B 458 -11.34 33.01 18.88
CA ALA B 458 -10.96 33.77 20.06
C ALA B 458 -10.68 35.23 19.75
N GLY B 459 -10.85 35.68 18.51
CA GLY B 459 -10.52 37.03 18.12
C GLY B 459 -9.05 37.35 18.07
N LEU B 460 -8.19 36.34 18.01
CA LEU B 460 -6.75 36.54 18.03
C LEU B 460 -6.11 36.36 16.67
N GLY B 461 -6.92 36.31 15.60
CA GLY B 461 -6.42 35.84 14.32
C GLY B 461 -5.20 36.58 13.82
N ASP B 462 -5.22 37.92 13.90
CA ASP B 462 -4.12 38.71 13.36
C ASP B 462 -3.09 39.13 14.42
N SER B 463 -3.16 38.60 15.64
CA SER B 463 -2.24 39.03 16.68
C SER B 463 -1.43 37.90 17.32
N VAL B 464 -1.58 36.66 16.88
CA VAL B 464 -0.73 35.58 17.35
C VAL B 464 -0.09 34.92 16.13
N GLY B 465 1.09 34.35 16.35
CA GLY B 465 1.73 33.53 15.34
C GLY B 465 1.45 32.06 15.58
N LEU B 466 1.41 31.30 14.50
CA LEU B 466 1.12 29.86 14.53
C LEU B 466 2.19 29.12 13.73
N ILE B 467 2.89 28.17 14.35
CA ILE B 467 3.84 27.35 13.62
C ILE B 467 3.63 25.88 13.99
N THR B 468 3.92 25.00 13.04
CA THR B 468 3.81 23.56 13.31
C THR B 468 4.76 22.82 12.39
N ASP B 469 5.20 21.65 12.87
CA ASP B 469 5.91 20.72 12.00
C ASP B 469 4.96 19.87 11.19
N GLY B 470 3.65 20.04 11.38
CA GLY B 470 2.59 19.47 10.55
C GLY B 470 2.07 20.45 9.53
N ARG B 471 0.75 20.46 9.36
CA ARG B 471 0.12 21.35 8.41
C ARG B 471 -1.10 22.01 9.03
N PHE B 472 -1.31 23.28 8.68
CA PHE B 472 -2.53 23.98 8.99
C PHE B 472 -3.33 24.17 7.73
N SER B 473 -4.65 24.05 7.81
CA SER B 473 -5.53 24.50 6.74
C SER B 473 -6.36 25.67 7.24
N GLY B 474 -6.64 26.61 6.34
CA GLY B 474 -7.29 27.84 6.71
C GLY B 474 -6.31 28.87 7.23
N GLY B 475 -6.54 30.14 6.92
CA GLY B 475 -5.71 31.22 7.40
C GLY B 475 -6.31 31.88 8.64
N THR B 476 -5.63 32.91 9.11
CA THR B 476 -6.10 33.67 10.24
C THR B 476 -5.96 35.18 10.03
N TYR B 477 -5.47 35.61 8.86
CA TYR B 477 -4.99 36.97 8.59
C TYR B 477 -3.74 37.31 9.38
N GLY B 478 -3.19 36.35 10.11
CA GLY B 478 -1.88 36.46 10.71
C GLY B 478 -0.90 35.45 10.14
N LEU B 479 0.26 35.33 10.76
CA LEU B 479 1.29 34.42 10.27
C LEU B 479 0.98 32.98 10.67
N VAL B 480 0.79 32.12 9.68
CA VAL B 480 0.53 30.69 9.86
C VAL B 480 1.61 29.93 9.12
N VAL B 481 2.41 29.16 9.87
CA VAL B 481 3.61 28.50 9.36
C VAL B 481 3.46 26.99 9.55
N GLY B 482 3.60 26.24 8.45
CA GLY B 482 3.60 24.80 8.49
C GLY B 482 4.86 24.23 7.88
N HIS B 483 4.93 22.88 7.91
CA HIS B 483 6.03 22.10 7.33
C HIS B 483 7.37 22.42 7.99
N VAL B 484 7.36 22.78 9.27
CA VAL B 484 8.62 23.12 9.92
C VAL B 484 9.54 21.90 9.94
N ALA B 485 10.71 22.02 9.32
CA ALA B 485 11.66 20.92 9.19
C ALA B 485 13.05 21.35 9.63
N PRO B 486 13.77 20.50 10.38
CA PRO B 486 13.37 19.17 10.86
C PRO B 486 12.25 19.18 11.89
N GLU B 487 11.41 18.15 11.86
CA GLU B 487 10.28 18.02 12.77
C GLU B 487 10.77 17.66 14.16
N ALA B 488 9.85 17.74 15.14
CA ALA B 488 10.22 17.52 16.53
C ALA B 488 10.64 16.08 16.78
N TYR B 489 9.95 15.13 16.15
CA TYR B 489 10.21 13.71 16.43
C TYR B 489 11.67 13.35 16.19
N VAL B 490 12.31 13.97 15.20
CA VAL B 490 13.69 13.63 14.87
C VAL B 490 14.69 14.56 15.56
N GLY B 491 14.20 15.41 16.46
CA GLY B 491 15.07 16.29 17.21
C GLY B 491 15.33 17.64 16.58
N GLY B 492 14.50 18.05 15.61
CA GLY B 492 14.57 19.42 15.12
C GLY B 492 14.35 20.43 16.23
N ALA B 493 14.87 21.65 16.01
CA ALA B 493 14.85 22.67 17.07
C ALA B 493 13.44 22.96 17.57
N ILE B 494 12.42 22.75 16.74
CA ILE B 494 11.05 22.92 17.19
C ILE B 494 10.75 22.03 18.40
N ALA B 495 11.43 20.88 18.52
CA ALA B 495 11.27 20.08 19.73
C ALA B 495 11.93 20.69 20.97
N LEU B 496 12.79 21.69 20.80
CA LEU B 496 13.55 22.24 21.92
C LEU B 496 13.03 23.60 22.38
N VAL B 497 11.98 24.11 21.72
CA VAL B 497 11.32 25.32 22.15
C VAL B 497 10.75 25.12 23.55
N GLN B 498 10.91 26.14 24.38
CA GLN B 498 10.33 26.16 25.72
C GLN B 498 9.35 27.31 25.85
N GLU B 499 8.34 27.11 26.67
CA GLU B 499 7.36 28.16 26.91
C GLU B 499 8.09 29.41 27.39
N GLY B 500 7.79 30.55 26.75
CA GLY B 500 8.39 31.81 27.10
C GLY B 500 9.64 32.17 26.32
N ASP B 501 10.27 31.22 25.64
CA ASP B 501 11.27 31.56 24.64
C ASP B 501 10.66 32.56 23.68
N GLN B 502 11.44 33.53 23.22
CA GLN B 502 10.98 34.45 22.19
C GLN B 502 11.21 33.84 20.81
N ILE B 503 10.21 33.93 19.95
CA ILE B 503 10.28 33.42 18.60
C ILE B 503 9.99 34.58 17.64
N THR B 504 10.83 34.71 16.62
CA THR B 504 10.63 35.68 15.55
C THR B 504 10.20 34.95 14.26
N ILE B 505 9.04 35.33 13.73
CA ILE B 505 8.58 34.97 12.39
C ILE B 505 8.57 36.25 11.55
N ASP B 506 9.44 36.32 10.55
CA ASP B 506 9.61 37.55 9.75
C ASP B 506 9.62 37.17 8.27
N ALA B 507 8.47 37.37 7.60
CA ALA B 507 8.33 36.99 6.20
C ALA B 507 9.23 37.84 5.29
N GLY B 508 9.39 39.13 5.60
CA GLY B 508 10.27 39.95 4.79
C GLY B 508 11.70 39.46 4.81
N LYS B 509 12.14 38.93 5.95
CA LYS B 509 13.47 38.36 6.06
C LYS B 509 13.48 36.87 5.76
N ARG B 510 12.33 36.29 5.44
CA ARG B 510 12.18 34.84 5.27
C ARG B 510 12.77 34.08 6.47
N LEU B 511 12.38 34.51 7.68
CA LEU B 511 13.06 34.12 8.90
C LEU B 511 12.10 33.46 9.88
N LEU B 512 12.49 32.30 10.40
CA LEU B 512 11.80 31.64 11.51
C LEU B 512 12.85 31.28 12.56
N GLN B 513 12.82 31.97 13.70
CA GLN B 513 13.96 31.93 14.60
C GLN B 513 13.50 31.78 16.04
N LEU B 514 14.26 30.98 16.78
CA LEU B 514 14.16 30.88 18.23
C LEU B 514 15.33 31.69 18.82
N ASN B 515 15.01 32.73 19.57
CA ASN B 515 16.00 33.73 19.93
C ASN B 515 16.73 33.32 21.21
N ILE B 516 17.54 32.25 21.06
CA ILE B 516 18.50 31.78 22.05
C ILE B 516 19.81 31.49 21.33
N SER B 517 20.89 31.40 22.10
CA SER B 517 22.20 31.16 21.50
C SER B 517 22.29 29.76 20.90
N GLU B 518 23.20 29.63 19.92
CA GLU B 518 23.44 28.35 19.29
C GLU B 518 23.90 27.30 20.29
N GLU B 519 24.65 27.71 21.32
CA GLU B 519 25.15 26.73 22.28
C GLU B 519 24.06 26.32 23.27
N GLU B 520 23.12 27.21 23.57
CA GLU B 520 22.01 26.79 24.41
C GLU B 520 21.06 25.88 23.65
N LEU B 521 20.84 26.15 22.37
CA LEU B 521 20.09 25.23 21.55
C LEU B 521 20.78 23.87 21.50
N ALA B 522 22.12 23.85 21.41
CA ALA B 522 22.86 22.61 21.37
C ALA B 522 22.82 21.86 22.71
N GLN B 523 22.72 22.59 23.83
CA GLN B 523 22.63 21.92 25.12
C GLN B 523 21.26 21.29 25.31
N ARG B 524 20.21 21.98 24.85
CA ARG B 524 18.88 21.39 24.90
C ARG B 524 18.81 20.17 23.99
N ARG B 525 19.45 20.25 22.83
CA ARG B 525 19.45 19.11 21.93
C ARG B 525 20.11 17.90 22.59
N ALA B 526 21.20 18.13 23.32
CA ALA B 526 21.91 17.03 23.97
C ALA B 526 21.08 16.41 25.09
N GLN B 527 20.19 17.17 25.71
CA GLN B 527 19.33 16.65 26.76
C GLN B 527 18.04 16.04 26.24
N TRP B 528 17.76 16.20 24.95
CA TRP B 528 16.49 15.77 24.36
C TRP B 528 16.52 14.27 24.11
N THR B 529 15.39 13.63 24.35
CA THR B 529 15.25 12.21 24.08
C THR B 529 14.09 11.98 23.11
N PRO B 530 14.25 11.13 22.11
CA PRO B 530 13.13 10.85 21.20
C PRO B 530 11.98 10.25 21.98
N PRO B 531 10.74 10.67 21.72
CA PRO B 531 9.63 10.14 22.50
C PRO B 531 9.36 8.68 22.13
N GLN B 532 8.55 8.01 22.96
CA GLN B 532 8.19 6.67 22.55
C GLN B 532 7.08 6.76 21.51
N PRO B 533 7.11 5.90 20.49
CA PRO B 533 6.15 6.04 19.38
C PRO B 533 4.71 5.83 19.84
N ARG B 534 3.80 6.64 19.30
CA ARG B 534 2.40 6.46 19.62
C ARG B 534 1.90 5.12 19.09
N TYR B 535 2.40 4.67 17.95
CA TYR B 535 1.93 3.44 17.33
C TYR B 535 3.10 2.52 17.05
N PRO B 536 3.33 1.51 17.88
CA PRO B 536 4.48 0.63 17.67
C PRO B 536 4.31 -0.29 16.47
N ARG B 537 3.08 -0.50 16.00
CA ARG B 537 2.79 -1.48 14.95
C ARG B 537 1.76 -0.91 13.98
N GLY B 538 1.44 -1.67 12.93
CA GLY B 538 0.49 -1.21 11.95
C GLY B 538 1.08 -0.26 10.91
N ILE B 539 0.20 0.21 10.02
CA ILE B 539 0.66 1.02 8.89
C ILE B 539 1.17 2.38 9.33
N LEU B 540 0.60 2.99 10.38
CA LEU B 540 1.17 4.24 10.89
C LEU B 540 2.61 4.02 11.34
N ALA B 541 2.92 2.84 11.90
CA ALA B 541 4.31 2.55 12.28
C ALA B 541 5.19 2.36 11.04
N LYS B 542 4.71 1.60 10.05
CA LYS B 542 5.49 1.43 8.82
C LYS B 542 5.69 2.76 8.13
N TYR B 543 4.64 3.57 8.07
CA TYR B 543 4.78 4.91 7.50
C TYR B 543 5.81 5.72 8.29
N ALA B 544 5.66 5.79 9.63
CA ALA B 544 6.58 6.58 10.43
C ALA B 544 8.02 6.09 10.29
N LYS B 545 8.20 4.78 10.15
CA LYS B 545 9.55 4.22 10.01
C LYS B 545 10.23 4.68 8.71
N LEU B 546 9.50 4.76 7.60
CA LEU B 546 10.13 5.03 6.31
C LEU B 546 10.08 6.48 5.87
N VAL B 547 9.14 7.27 6.36
CA VAL B 547 8.89 8.56 5.75
C VAL B 547 10.07 9.50 5.98
N SER B 548 10.36 10.33 4.97
CA SER B 548 11.42 11.31 5.04
C SER B 548 10.88 12.62 5.60
N SER B 549 11.75 13.62 5.62
CA SER B 549 11.36 14.96 6.03
C SER B 549 10.37 15.56 5.04
N SER B 550 9.51 16.44 5.55
CA SER B 550 8.61 17.21 4.70
C SER B 550 9.38 18.12 3.73
N SER B 551 10.63 18.46 4.06
CA SER B 551 11.41 19.27 3.14
C SER B 551 11.84 18.48 1.90
N LEU B 552 11.64 17.17 1.90
CA LEU B 552 11.75 16.35 0.70
C LEU B 552 10.40 15.90 0.17
N GLY B 553 9.29 16.42 0.71
CA GLY B 553 7.96 15.99 0.31
C GLY B 553 7.41 14.80 1.08
N ALA B 554 8.08 14.34 2.13
CA ALA B 554 7.65 13.19 2.93
C ALA B 554 7.50 11.94 2.06
N VAL B 555 8.50 11.71 1.21
CA VAL B 555 8.57 10.46 0.46
C VAL B 555 8.93 9.32 1.40
N THR B 556 8.60 8.09 0.99
CA THR B 556 8.85 6.92 1.81
C THR B 556 9.82 5.92 1.19
N ASP B 557 10.47 6.25 0.07
CA ASP B 557 11.39 5.30 -0.56
C ASP B 557 12.76 5.92 -0.81
N ILE B 558 13.18 6.87 0.02
CA ILE B 558 14.49 7.49 -0.15
C ILE B 558 15.35 7.23 1.08
N ASP B 559 16.66 7.15 0.86
CA ASP B 559 17.66 6.96 1.93
C ASP B 559 17.31 5.78 2.84
N LEU B 560 16.92 4.67 2.25
CA LEU B 560 16.61 3.48 3.04
C LEU B 560 17.84 2.61 3.31
N PHE B 561 18.84 2.66 2.44
CA PHE B 561 20.05 1.87 2.61
C PHE B 561 21.31 2.72 2.58
#